data_4GXZ
#
_entry.id   4GXZ
#
_cell.length_a   53.107
_cell.length_b   90.998
_cell.length_c   83.309
_cell.angle_alpha   90.00
_cell.angle_beta   102.23
_cell.angle_gamma   90.00
#
_symmetry.space_group_name_H-M   'P 1 21 1'
#
loop_
_entity.id
_entity.type
_entity.pdbx_description
1 polymer 'Suppression of copper sensitivity protein'
2 water water
#
_entity_poly.entity_id   1
_entity_poly.type   'polypeptide(L)'
_entity_poly.pdbx_seq_one_letter_code
;SNAQETAPFTPDQEKQIENLIHAALFNDPASPRIGAKHPKLTLVNFTDYNCPYCKQLDPMLEKIVQKYPDVAVIIKPLPF
KGESSVLAARIALTTWREHPQQFLALHEKLMQKRVYHTDDSIKQAQQKAGATPVTLDEKSMETIRTNLQLARLVGVQGTP
ATIIGDELIPGAVPWDTLEAVVKEKLASANGG
;
_entity_poly.pdbx_strand_id   A,B,C,D
#
# COMPACT_ATOMS: atom_id res chain seq x y z
N ASP A 12 21.42 30.31 -8.10
CA ASP A 12 22.82 30.52 -7.78
C ASP A 12 23.56 29.19 -7.68
N GLN A 13 23.91 28.79 -6.46
CA GLN A 13 24.53 27.49 -6.28
C GLN A 13 23.56 26.36 -5.95
N GLU A 14 22.73 26.06 -6.93
CA GLU A 14 22.00 24.81 -7.00
C GLU A 14 23.04 23.71 -6.85
N LYS A 15 24.29 24.08 -7.11
CA LYS A 15 25.43 23.18 -7.02
C LYS A 15 25.60 22.57 -5.62
N GLN A 16 25.13 23.27 -4.59
CA GLN A 16 25.24 22.80 -3.22
C GLN A 16 24.07 21.92 -2.82
N ILE A 17 23.05 21.84 -3.69
CA ILE A 17 21.83 21.09 -3.39
C ILE A 17 21.47 20.10 -4.51
N GLU A 18 22.29 20.03 -5.56
CA GLU A 18 21.92 19.27 -6.75
C GLU A 18 21.80 17.77 -6.49
N ASN A 19 22.51 17.27 -5.50
CA ASN A 19 22.46 15.85 -5.17
C ASN A 19 21.25 15.51 -4.28
N LEU A 20 20.70 16.53 -3.64
CA LEU A 20 19.45 16.41 -2.88
C LEU A 20 18.22 16.26 -3.75
N ILE A 21 18.31 16.68 -5.01
CA ILE A 21 17.12 16.80 -5.85
C ILE A 21 16.28 15.51 -5.92
N HIS A 22 16.97 14.37 -5.89
CA HIS A 22 16.33 13.08 -6.17
C HIS A 22 15.29 12.63 -5.13
N ALA A 23 15.68 12.61 -3.85
CA ALA A 23 14.79 12.21 -2.76
C ALA A 23 13.53 13.09 -2.69
N ALA A 24 13.72 14.39 -2.91
CA ALA A 24 12.62 15.35 -2.85
C ALA A 24 11.69 15.11 -4.04
N LEU A 25 12.25 14.79 -5.20
CA LEU A 25 11.41 14.49 -6.36
C LEU A 25 10.53 13.26 -6.13
N PHE A 26 11.14 12.15 -5.71
CA PHE A 26 10.47 10.85 -5.81
C PHE A 26 9.93 10.36 -4.48
N ASN A 27 10.36 11.01 -3.40
CA ASN A 27 10.14 10.46 -2.06
C ASN A 27 9.69 11.48 -1.02
N ASP A 28 9.30 12.67 -1.46
CA ASP A 28 8.72 13.66 -0.53
C ASP A 28 7.47 13.05 0.13
N PRO A 29 7.54 12.80 1.45
CA PRO A 29 6.38 12.26 2.18
C PRO A 29 5.16 13.17 1.99
N ALA A 30 5.41 14.44 1.72
CA ALA A 30 4.32 15.41 1.60
C ALA A 30 3.70 15.46 0.19
N SER A 31 4.35 14.82 -0.78
CA SER A 31 3.79 14.85 -2.14
C SER A 31 2.91 13.63 -2.38
N PRO A 32 1.66 13.87 -2.81
CA PRO A 32 0.72 12.77 -2.99
C PRO A 32 1.27 11.73 -3.98
N ARG A 33 1.03 10.45 -3.66
CA ARG A 33 1.51 9.34 -4.46
C ARG A 33 0.29 8.51 -4.88
N ILE A 34 0.21 8.18 -6.16
CA ILE A 34 -0.78 7.24 -6.66
C ILE A 34 -0.05 5.95 -7.00
N GLY A 35 -0.43 4.83 -6.40
CA GLY A 35 0.26 3.56 -6.65
C GLY A 35 1.18 3.12 -5.52
N ALA A 36 1.99 2.10 -5.78
CA ALA A 36 2.82 1.49 -4.74
C ALA A 36 3.85 2.44 -4.11
N LYS A 37 4.11 2.26 -2.81
CA LYS A 37 5.21 2.95 -2.13
C LYS A 37 6.58 2.46 -2.61
N HIS A 38 6.64 1.22 -3.07
CA HIS A 38 7.92 0.65 -3.54
C HIS A 38 7.84 0.19 -5.00
N PRO A 39 7.78 1.14 -5.95
CA PRO A 39 7.59 0.83 -7.37
C PRO A 39 8.91 0.67 -8.10
N LYS A 40 8.89 0.08 -9.28
CA LYS A 40 10.09 -0.03 -10.11
C LYS A 40 10.40 1.30 -10.78
N LEU A 41 9.33 2.06 -11.05
CA LEU A 41 9.44 3.34 -11.76
C LEU A 41 8.47 4.34 -11.11
N THR A 42 8.93 5.57 -10.93
CA THR A 42 8.11 6.61 -10.30
C THR A 42 8.06 7.81 -11.22
N LEU A 43 6.87 8.08 -11.75
CA LEU A 43 6.63 9.26 -12.58
C LEU A 43 6.41 10.46 -11.64
N VAL A 44 6.86 11.65 -12.05
CA VAL A 44 6.60 12.85 -11.27
C VAL A 44 5.85 13.85 -12.15
N ASN A 45 4.57 14.04 -11.83
CA ASN A 45 3.68 14.83 -12.65
C ASN A 45 3.46 16.20 -12.02
N PHE A 46 4.05 17.21 -12.64
CA PHE A 46 3.87 18.61 -12.24
C PHE A 46 2.59 19.09 -12.91
N THR A 47 1.63 19.59 -12.14
CA THR A 47 0.26 19.75 -12.64
C THR A 47 -0.52 20.87 -11.93
N ASP A 48 -1.64 21.26 -12.52
CA ASP A 48 -2.45 22.35 -11.96
C ASP A 48 -3.91 21.97 -12.20
N TYR A 49 -4.71 22.00 -11.14
CA TYR A 49 -6.10 21.57 -11.23
C TYR A 49 -6.97 22.39 -12.20
N ASN A 50 -6.53 23.61 -12.55
CA ASN A 50 -7.26 24.45 -13.53
C ASN A 50 -6.69 24.39 -14.96
N CYS A 51 -5.62 23.62 -15.14
CA CYS A 51 -4.94 23.53 -16.43
C CYS A 51 -5.59 22.47 -17.30
N PRO A 52 -6.13 22.89 -18.46
CA PRO A 52 -6.89 22.01 -19.36
C PRO A 52 -6.09 20.78 -19.81
N TYR A 53 -4.84 20.96 -20.24
CA TYR A 53 -4.02 19.81 -20.62
C TYR A 53 -3.66 18.90 -19.44
N CYS A 54 -3.54 19.47 -18.23
CA CYS A 54 -3.38 18.65 -17.03
C CYS A 54 -4.60 17.77 -16.82
N LYS A 55 -5.79 18.34 -16.95
CA LYS A 55 -6.99 17.53 -16.80
C LYS A 55 -7.02 16.39 -17.83
N GLN A 56 -6.57 16.67 -19.04
CA GLN A 56 -6.59 15.66 -20.11
C GLN A 56 -5.63 14.52 -19.76
N LEU A 57 -4.43 14.89 -19.36
CA LEU A 57 -3.42 13.90 -18.97
C LEU A 57 -3.83 13.02 -17.78
N ASP A 58 -4.46 13.63 -16.78
CA ASP A 58 -4.69 12.95 -15.50
C ASP A 58 -5.29 11.54 -15.53
N PRO A 59 -6.41 11.35 -16.23
CA PRO A 59 -6.99 10.00 -16.26
C PRO A 59 -5.98 8.99 -16.80
N MET A 60 -5.15 9.42 -17.75
CA MET A 60 -4.15 8.53 -18.34
C MET A 60 -3.15 8.04 -17.31
N LEU A 61 -2.75 8.93 -16.40
CA LEU A 61 -1.74 8.58 -15.40
C LEU A 61 -2.23 7.47 -14.48
N GLU A 62 -3.46 7.61 -14.01
CA GLU A 62 -4.06 6.59 -13.15
CA GLU A 62 -4.03 6.59 -13.15
C GLU A 62 -4.27 5.28 -13.91
N LYS A 63 -4.56 5.39 -15.21
CA LYS A 63 -4.71 4.20 -16.05
C LYS A 63 -3.38 3.47 -16.17
N ILE A 64 -2.29 4.24 -16.28
CA ILE A 64 -0.96 3.66 -16.29
C ILE A 64 -0.75 2.84 -15.03
N VAL A 65 -1.09 3.43 -13.88
CA VAL A 65 -0.89 2.80 -12.57
C VAL A 65 -1.76 1.55 -12.45
N GLN A 66 -2.98 1.64 -12.97
CA GLN A 66 -3.91 0.52 -13.01
C GLN A 66 -3.33 -0.66 -13.80
N LYS A 67 -2.73 -0.35 -14.95
CA LYS A 67 -2.24 -1.39 -15.87
C LYS A 67 -0.85 -1.89 -15.50
N TYR A 68 -0.04 -0.99 -14.93
CA TYR A 68 1.31 -1.31 -14.52
C TYR A 68 1.52 -0.98 -13.04
N PRO A 69 1.05 -1.87 -12.16
CA PRO A 69 1.17 -1.71 -10.70
C PRO A 69 2.61 -1.47 -10.22
N ASP A 70 3.60 -1.78 -11.06
CA ASP A 70 5.01 -1.52 -10.77
CA ASP A 70 4.99 -1.52 -10.70
C ASP A 70 5.35 -0.04 -10.90
N VAL A 71 4.36 0.75 -11.31
CA VAL A 71 4.57 2.17 -11.55
C VAL A 71 3.75 2.96 -10.53
N ALA A 72 4.36 3.99 -9.95
CA ALA A 72 3.63 4.94 -9.09
C ALA A 72 3.76 6.34 -9.70
N VAL A 73 2.81 7.23 -9.40
CA VAL A 73 2.87 8.58 -9.89
C VAL A 73 2.87 9.57 -8.72
N ILE A 74 3.80 10.54 -8.76
CA ILE A 74 3.86 11.58 -7.73
C ILE A 74 3.18 12.82 -8.27
N ILE A 75 2.32 13.43 -7.48
CA ILE A 75 1.64 14.67 -7.87
CA ILE A 75 1.68 14.68 -7.88
C ILE A 75 2.37 15.87 -7.23
N LYS A 76 2.91 16.76 -8.07
CA LYS A 76 3.55 17.98 -7.63
C LYS A 76 2.71 19.15 -8.14
N PRO A 77 1.75 19.60 -7.34
CA PRO A 77 1.02 20.79 -7.83
C PRO A 77 1.90 22.03 -8.02
N LEU A 78 1.76 22.66 -9.19
CA LEU A 78 2.26 24.02 -9.46
C LEU A 78 1.05 24.91 -9.79
N PRO A 79 0.46 25.57 -8.77
CA PRO A 79 -0.79 26.32 -8.98
C PRO A 79 -0.58 27.69 -9.62
N PHE A 80 -0.35 27.70 -10.94
CA PHE A 80 -0.02 28.93 -11.66
C PHE A 80 -1.25 29.75 -12.06
N LYS A 81 -2.41 29.11 -12.12
CA LYS A 81 -3.58 29.77 -12.73
C LYS A 81 -4.52 30.39 -11.68
N GLY A 82 -3.94 31.19 -10.79
CA GLY A 82 -4.73 32.02 -9.89
C GLY A 82 -5.07 31.42 -8.53
N GLU A 83 -5.86 32.17 -7.76
CA GLU A 83 -6.18 31.82 -6.38
C GLU A 83 -6.82 30.45 -6.23
N SER A 84 -7.74 30.12 -7.13
CA SER A 84 -8.42 28.82 -7.01
C SER A 84 -7.49 27.65 -7.35
N SER A 85 -6.43 27.90 -8.14
CA SER A 85 -5.36 26.90 -8.36
C SER A 85 -4.60 26.70 -7.05
N VAL A 86 -4.27 27.80 -6.37
CA VAL A 86 -3.59 27.67 -5.09
C VAL A 86 -4.47 26.91 -4.09
N LEU A 87 -5.75 27.27 -3.99
CA LEU A 87 -6.67 26.64 -3.04
C LEU A 87 -6.91 25.14 -3.30
N ALA A 88 -7.18 24.76 -4.56
CA ALA A 88 -7.36 23.34 -4.88
C ALA A 88 -6.09 22.56 -4.53
N ALA A 89 -4.95 23.12 -4.86
CA ALA A 89 -3.67 22.48 -4.53
C ALA A 89 -3.46 22.30 -3.02
N ARG A 90 -3.75 23.36 -2.24
CA ARG A 90 -3.52 23.30 -0.79
C ARG A 90 -4.46 22.29 -0.15
N ILE A 91 -5.72 22.34 -0.56
CA ILE A 91 -6.72 21.39 -0.09
C ILE A 91 -6.27 19.96 -0.44
N ALA A 92 -5.89 19.73 -1.69
CA ALA A 92 -5.46 18.39 -2.08
C ALA A 92 -4.24 17.93 -1.28
N LEU A 93 -3.25 18.81 -1.14
CA LEU A 93 -2.04 18.46 -0.41
C LEU A 93 -2.33 18.18 1.06
N THR A 94 -3.21 18.99 1.65
CA THR A 94 -3.56 18.81 3.05
C THR A 94 -4.33 17.51 3.27
N THR A 95 -5.24 17.20 2.35
CA THR A 95 -5.94 15.92 2.41
C THR A 95 -4.91 14.78 2.28
N TRP A 96 -3.88 14.95 1.47
CA TRP A 96 -2.85 13.90 1.36
C TRP A 96 -2.18 13.71 2.72
N ARG A 97 -1.75 14.80 3.33
CA ARG A 97 -1.10 14.77 4.65
C ARG A 97 -1.96 14.06 5.71
N GLU A 98 -3.22 14.47 5.83
CA GLU A 98 -4.05 14.04 6.97
C GLU A 98 -4.83 12.77 6.72
N HIS A 99 -5.29 12.59 5.48
CA HIS A 99 -6.08 11.41 5.12
C HIS A 99 -5.67 10.89 3.76
N PRO A 100 -4.47 10.28 3.66
CA PRO A 100 -3.94 9.91 2.34
C PRO A 100 -4.87 9.02 1.52
N GLN A 101 -5.66 8.19 2.20
CA GLN A 101 -6.59 7.30 1.51
C GLN A 101 -7.70 8.04 0.75
N GLN A 102 -7.96 9.29 1.14
CA GLN A 102 -9.04 10.06 0.52
C GLN A 102 -8.51 10.86 -0.67
N PHE A 103 -7.19 11.01 -0.75
CA PHE A 103 -6.60 11.90 -1.74
C PHE A 103 -7.05 11.60 -3.18
N LEU A 104 -6.97 10.34 -3.59
CA LEU A 104 -7.20 10.02 -5.01
C LEU A 104 -8.60 10.45 -5.47
N ALA A 105 -9.63 10.06 -4.71
CA ALA A 105 -10.99 10.48 -5.03
C ALA A 105 -11.15 12.00 -5.11
N LEU A 106 -10.50 12.74 -4.22
CA LEU A 106 -10.57 14.21 -4.25
C LEU A 106 -9.83 14.77 -5.45
N HIS A 107 -8.62 14.27 -5.66
CA HIS A 107 -7.81 14.63 -6.81
C HIS A 107 -8.59 14.42 -8.13
N GLU A 108 -9.22 13.25 -8.27
CA GLU A 108 -10.04 13.00 -9.46
C GLU A 108 -11.17 14.05 -9.62
N LYS A 109 -11.88 14.34 -8.53
CA LYS A 109 -12.96 15.32 -8.57
C LYS A 109 -12.46 16.70 -9.02
N LEU A 110 -11.32 17.16 -8.49
CA LEU A 110 -10.77 18.45 -8.88
C LEU A 110 -10.36 18.50 -10.37
N MET A 111 -9.76 17.41 -10.87
CA MET A 111 -9.39 17.35 -12.29
C MET A 111 -10.62 17.23 -13.20
N GLN A 112 -11.61 16.43 -12.79
CA GLN A 112 -12.74 16.15 -13.65
C GLN A 112 -13.65 17.37 -13.89
N LYS A 113 -13.68 18.29 -12.94
CA LYS A 113 -14.51 19.51 -13.08
C LYS A 113 -14.07 20.31 -14.32
N ARG A 114 -14.99 20.52 -15.25
CA ARG A 114 -14.60 21.17 -16.51
C ARG A 114 -14.95 22.65 -16.53
N VAL A 115 -14.87 23.27 -15.35
CA VAL A 115 -15.00 24.70 -15.20
C VAL A 115 -13.82 25.17 -14.35
N TYR A 116 -13.25 26.31 -14.70
CA TYR A 116 -12.25 26.95 -13.86
C TYR A 116 -12.78 27.01 -12.43
N HIS A 117 -11.93 26.68 -11.45
CA HIS A 117 -12.41 26.43 -10.11
C HIS A 117 -12.80 27.70 -9.34
N THR A 118 -13.77 27.54 -8.45
CA THR A 118 -14.16 28.55 -7.45
C THR A 118 -14.14 27.91 -6.06
N ASP A 119 -14.34 28.71 -5.00
CA ASP A 119 -14.43 28.13 -3.66
C ASP A 119 -15.52 27.05 -3.64
N ASP A 120 -16.68 27.40 -4.17
CA ASP A 120 -17.81 26.46 -4.28
C ASP A 120 -17.52 25.14 -5.01
N SER A 121 -16.91 25.21 -6.19
CA SER A 121 -16.63 23.98 -6.91
C SER A 121 -15.58 23.14 -6.17
N ILE A 122 -14.62 23.80 -5.52
CA ILE A 122 -13.63 23.06 -4.73
C ILE A 122 -14.33 22.34 -3.58
N LYS A 123 -15.27 23.01 -2.93
CA LYS A 123 -16.02 22.40 -1.84
C LYS A 123 -16.93 21.28 -2.33
N GLN A 124 -17.48 21.44 -3.55
CA GLN A 124 -18.26 20.40 -4.22
C GLN A 124 -17.43 19.14 -4.48
N ALA A 125 -16.25 19.33 -5.05
CA ALA A 125 -15.31 18.23 -5.29
C ALA A 125 -15.07 17.43 -4.00
N GLN A 126 -14.82 18.13 -2.90
CA GLN A 126 -14.66 17.48 -1.59
C GLN A 126 -15.87 16.65 -1.22
N GLN A 127 -17.04 17.25 -1.35
CA GLN A 127 -18.29 16.57 -1.07
C GLN A 127 -18.48 15.32 -1.92
N LYS A 128 -18.38 15.46 -3.23
CA LYS A 128 -18.50 14.32 -4.13
C LYS A 128 -17.40 13.28 -3.88
N ALA A 129 -16.20 13.72 -3.52
CA ALA A 129 -15.11 12.76 -3.29
C ALA A 129 -15.25 12.07 -1.93
N GLY A 130 -16.11 12.62 -1.08
CA GLY A 130 -16.28 12.09 0.26
C GLY A 130 -15.10 12.37 1.15
N ALA A 131 -14.43 13.50 0.89
CA ALA A 131 -13.24 13.90 1.64
C ALA A 131 -13.55 14.71 2.90
N THR A 132 -12.87 14.38 3.99
CA THR A 132 -12.99 15.10 5.25
C THR A 132 -12.44 16.51 5.11
N PRO A 133 -13.13 17.51 5.67
CA PRO A 133 -12.61 18.88 5.64
C PRO A 133 -11.23 18.96 6.27
N VAL A 134 -10.40 19.87 5.79
CA VAL A 134 -9.07 20.03 6.35
C VAL A 134 -8.78 21.49 6.69
N THR A 135 -7.94 21.71 7.68
CA THR A 135 -7.48 23.05 8.03
C THR A 135 -6.20 23.37 7.29
N LEU A 136 -6.12 24.54 6.67
CA LEU A 136 -4.94 24.89 5.90
C LEU A 136 -3.78 25.49 6.74
N ASP A 137 -2.57 25.02 6.45
CA ASP A 137 -1.36 25.36 7.21
C ASP A 137 -0.33 26.01 6.32
N GLU A 138 0.69 26.61 6.93
CA GLU A 138 1.84 27.06 6.16
C GLU A 138 2.53 25.88 5.46
N LYS A 139 2.26 24.66 5.92
CA LYS A 139 2.92 23.45 5.37
C LYS A 139 2.57 23.20 3.93
N SER A 140 1.30 23.41 3.56
CA SER A 140 0.90 23.19 2.18
C SER A 140 1.59 24.23 1.30
N MET A 141 1.71 25.46 1.82
CA MET A 141 2.43 26.54 1.13
C MET A 141 3.90 26.20 0.90
N GLU A 142 4.55 25.62 1.92
CA GLU A 142 5.95 25.24 1.80
C GLU A 142 6.13 24.10 0.79
N THR A 143 5.18 23.16 0.76
CA THR A 143 5.23 22.07 -0.23
C THR A 143 5.12 22.64 -1.64
N ILE A 144 4.22 23.62 -1.82
CA ILE A 144 4.08 24.29 -3.12
C ILE A 144 5.38 24.98 -3.52
N ARG A 145 5.93 25.77 -2.59
CA ARG A 145 7.23 26.42 -2.82
C ARG A 145 8.31 25.42 -3.23
N THR A 146 8.37 24.32 -2.50
CA THR A 146 9.35 23.26 -2.79
C THR A 146 9.12 22.70 -4.19
N ASN A 147 7.85 22.48 -4.55
CA ASN A 147 7.50 22.02 -5.89
C ASN A 147 8.02 22.96 -6.97
N LEU A 148 7.80 24.26 -6.78
CA LEU A 148 8.29 25.27 -7.72
C LEU A 148 9.82 25.22 -7.81
N GLN A 149 10.51 25.11 -6.67
CA GLN A 149 11.96 24.97 -6.66
C GLN A 149 12.38 23.78 -7.52
N LEU A 150 11.71 22.65 -7.33
CA LEU A 150 12.05 21.42 -8.06
C LEU A 150 11.78 21.56 -9.56
N ALA A 151 10.65 22.21 -9.89
CA ALA A 151 10.30 22.47 -11.27
C ALA A 151 11.41 23.25 -11.96
N ARG A 152 11.92 24.26 -11.26
CA ARG A 152 12.99 25.11 -11.78
C ARG A 152 14.20 24.27 -12.12
N LEU A 153 14.72 23.59 -11.11
CA LEU A 153 15.94 22.80 -11.23
C LEU A 153 15.81 21.73 -12.30
N VAL A 154 14.58 21.28 -12.53
CA VAL A 154 14.34 20.15 -13.42
C VAL A 154 14.04 20.59 -14.87
N GLY A 155 13.88 21.89 -15.07
CA GLY A 155 13.65 22.43 -16.40
C GLY A 155 12.18 22.44 -16.81
N VAL A 156 11.29 22.36 -15.82
CA VAL A 156 9.86 22.42 -16.08
C VAL A 156 9.52 23.80 -16.66
N GLN A 157 8.95 23.83 -17.86
CA GLN A 157 8.64 25.11 -18.50
C GLN A 157 7.14 25.43 -18.51
N GLY A 158 6.33 24.58 -17.89
CA GLY A 158 4.88 24.78 -17.90
C GLY A 158 4.16 23.54 -17.40
N THR A 159 2.85 23.62 -17.24
CA THR A 159 2.07 22.44 -16.88
C THR A 159 1.19 21.96 -18.04
N PRO A 160 0.97 20.64 -18.14
CA PRO A 160 1.58 19.60 -17.30
C PRO A 160 2.99 19.28 -17.76
N ALA A 161 3.79 18.70 -16.87
CA ALA A 161 5.14 18.27 -17.20
C ALA A 161 5.43 17.04 -16.34
N THR A 162 5.83 15.96 -16.99
CA THR A 162 5.97 14.69 -16.27
C THR A 162 7.33 14.05 -16.49
N ILE A 163 8.02 13.74 -15.39
CA ILE A 163 9.29 13.02 -15.43
C ILE A 163 9.03 11.53 -15.57
N ILE A 164 9.52 10.94 -16.66
CA ILE A 164 9.39 9.51 -16.85
C ILE A 164 10.78 8.98 -17.19
N GLY A 165 11.39 8.25 -16.26
CA GLY A 165 12.79 7.84 -16.44
C GLY A 165 13.68 9.04 -16.71
N ASP A 166 14.41 9.01 -17.81
CA ASP A 166 15.31 10.10 -18.18
C ASP A 166 14.68 11.17 -19.08
N GLU A 167 13.35 11.20 -19.18
CA GLU A 167 12.70 12.23 -20.00
C GLU A 167 11.82 13.17 -19.20
N LEU A 168 11.77 14.42 -19.63
CA LEU A 168 10.79 15.39 -19.12
C LEU A 168 9.80 15.68 -20.23
N ILE A 169 8.59 15.15 -20.08
CA ILE A 169 7.61 15.18 -21.14
C ILE A 169 6.56 16.25 -20.83
N PRO A 170 6.57 17.33 -21.62
CA PRO A 170 5.63 18.46 -21.48
C PRO A 170 4.26 18.12 -22.04
N GLY A 171 3.25 18.85 -21.58
CA GLY A 171 1.92 18.76 -22.14
C GLY A 171 1.28 17.39 -22.05
N ALA A 172 0.23 17.21 -22.84
CA ALA A 172 -0.47 15.94 -22.91
C ALA A 172 0.04 15.21 -24.15
N VAL A 173 0.20 13.91 -24.04
CA VAL A 173 0.63 13.11 -25.19
C VAL A 173 -0.42 12.03 -25.44
N PRO A 174 -0.46 11.49 -26.68
CA PRO A 174 -1.44 10.41 -26.89
C PRO A 174 -1.19 9.26 -25.89
N TRP A 175 -2.27 8.64 -25.43
CA TRP A 175 -2.18 7.45 -24.61
C TRP A 175 -1.21 6.37 -25.13
N ASP A 176 -1.32 5.97 -26.41
CA ASP A 176 -0.43 4.89 -26.87
C ASP A 176 1.04 5.30 -26.80
N THR A 177 1.32 6.56 -27.08
CA THR A 177 2.67 7.11 -26.94
C THR A 177 3.12 7.08 -25.48
N LEU A 178 2.24 7.56 -24.60
CA LEU A 178 2.49 7.56 -23.17
C LEU A 178 2.81 6.17 -22.65
N GLU A 179 1.97 5.20 -23.00
CA GLU A 179 2.16 3.84 -22.55
C GLU A 179 3.50 3.27 -23.03
N ALA A 180 3.89 3.62 -24.26
CA ALA A 180 5.13 3.10 -24.84
C ALA A 180 6.37 3.65 -24.11
N VAL A 181 6.39 4.96 -23.84
CA VAL A 181 7.49 5.56 -23.09
C VAL A 181 7.59 4.88 -21.71
N VAL A 182 6.44 4.70 -21.07
CA VAL A 182 6.40 4.03 -19.76
C VAL A 182 6.98 2.61 -19.80
N LYS A 183 6.48 1.76 -20.71
CA LYS A 183 6.99 0.40 -20.86
C LYS A 183 8.50 0.40 -21.00
N GLU A 184 8.99 1.27 -21.88
CA GLU A 184 10.43 1.41 -22.13
C GLU A 184 11.22 1.80 -20.88
N LYS A 185 10.78 2.84 -20.17
CA LYS A 185 11.50 3.28 -18.98
C LYS A 185 11.43 2.17 -17.94
N LEU A 186 10.29 1.51 -17.89
CA LEU A 186 10.09 0.36 -17.01
C LEU A 186 11.07 -0.79 -17.34
N ALA A 187 11.19 -1.12 -18.62
CA ALA A 187 12.15 -2.14 -19.05
C ALA A 187 13.58 -1.78 -18.65
N SER A 188 13.97 -0.53 -18.89
CA SER A 188 15.31 -0.06 -18.51
C SER A 188 15.58 -0.08 -17.00
N ALA A 189 14.53 0.05 -16.18
CA ALA A 189 14.72 0.15 -14.74
C ALA A 189 15.31 -1.14 -14.15
N LYS B 15 14.59 26.43 6.57
CA LYS B 15 14.31 27.46 5.58
C LYS B 15 13.41 26.94 4.48
N GLN B 16 13.82 27.16 3.24
CA GLN B 16 13.03 26.76 2.09
C GLN B 16 13.68 25.56 1.40
N ILE B 17 14.88 25.21 1.84
CA ILE B 17 15.53 23.99 1.41
C ILE B 17 15.43 22.97 2.52
N GLU B 18 14.75 23.34 3.59
CA GLU B 18 14.55 22.44 4.71
C GLU B 18 13.78 21.18 4.27
N ASN B 19 12.78 21.36 3.42
CA ASN B 19 12.04 20.19 2.92
C ASN B 19 12.93 19.28 2.09
N LEU B 20 13.83 19.86 1.30
CA LEU B 20 14.79 19.09 0.49
C LEU B 20 15.74 18.27 1.37
N ILE B 21 16.25 18.91 2.42
CA ILE B 21 17.18 18.27 3.34
C ILE B 21 16.51 17.11 4.05
N HIS B 22 15.29 17.37 4.53
CA HIS B 22 14.55 16.39 5.31
C HIS B 22 14.20 15.15 4.50
N ALA B 23 13.72 15.36 3.28
CA ALA B 23 13.41 14.23 2.41
C ALA B 23 14.68 13.37 2.22
N ALA B 24 15.80 14.02 1.94
CA ALA B 24 17.03 13.29 1.65
C ALA B 24 17.57 12.61 2.91
N LEU B 25 17.45 13.26 4.06
CA LEU B 25 17.83 12.62 5.31
C LEU B 25 17.03 11.36 5.61
N PHE B 26 15.70 11.47 5.58
CA PHE B 26 14.85 10.42 6.11
C PHE B 26 14.09 9.57 5.09
N ASN B 27 14.11 9.97 3.83
CA ASN B 27 13.20 9.28 2.89
C ASN B 27 13.88 8.72 1.66
N ASP B 28 15.19 8.49 1.75
CA ASP B 28 15.93 7.89 0.62
C ASP B 28 15.88 6.37 0.72
N PRO B 29 15.20 5.72 -0.26
CA PRO B 29 15.02 4.27 -0.22
C PRO B 29 16.38 3.55 -0.32
N ALA B 30 17.37 4.24 -0.88
CA ALA B 30 18.70 3.66 -1.06
C ALA B 30 19.54 3.71 0.23
N SER B 31 19.09 4.49 1.23
CA SER B 31 19.80 4.53 2.51
C SER B 31 19.36 3.38 3.42
N PRO B 32 20.33 2.57 3.89
CA PRO B 32 19.97 1.46 4.76
C PRO B 32 19.32 1.92 6.06
N ARG B 33 18.36 1.13 6.54
CA ARG B 33 17.77 1.36 7.85
C ARG B 33 17.75 0.06 8.63
N ILE B 34 18.01 0.17 9.91
CA ILE B 34 17.94 -0.95 10.85
C ILE B 34 16.88 -0.62 11.89
N GLY B 35 16.14 -1.62 12.37
CA GLY B 35 15.16 -1.40 13.42
C GLY B 35 13.73 -1.24 12.91
N ALA B 36 12.96 -0.40 13.60
CA ALA B 36 11.51 -0.27 13.35
C ALA B 36 11.13 0.11 11.92
N LYS B 37 10.04 -0.50 11.42
CA LYS B 37 9.57 -0.23 10.06
C LYS B 37 8.83 1.10 9.99
N HIS B 38 8.10 1.42 11.05
CA HIS B 38 7.41 2.70 11.19
C HIS B 38 7.73 3.26 12.57
N PRO B 39 8.96 3.80 12.73
CA PRO B 39 9.46 4.14 14.07
C PRO B 39 8.93 5.47 14.57
N LYS B 40 8.85 5.62 15.89
CA LYS B 40 8.52 6.89 16.55
C LYS B 40 9.69 7.87 16.44
N LEU B 41 10.90 7.31 16.42
CA LEU B 41 12.12 8.11 16.40
C LEU B 41 13.13 7.47 15.45
N THR B 42 13.66 8.26 14.53
CA THR B 42 14.59 7.74 13.53
C THR B 42 15.93 8.46 13.62
N LEU B 43 16.97 7.76 14.08
CA LEU B 43 18.30 8.34 14.10
C LEU B 43 18.90 8.34 12.70
N VAL B 44 19.73 9.35 12.41
CA VAL B 44 20.54 9.37 11.19
C VAL B 44 22.04 9.34 11.57
N ASN B 45 22.69 8.24 11.23
CA ASN B 45 24.09 8.03 11.60
C ASN B 45 25.03 8.15 10.41
N PHE B 46 25.81 9.23 10.37
CA PHE B 46 26.82 9.37 9.33
C PHE B 46 28.06 8.65 9.77
N THR B 47 28.54 7.73 8.95
CA THR B 47 29.53 6.77 9.42
C THR B 47 30.47 6.30 8.29
N ASP B 48 31.61 5.73 8.70
CA ASP B 48 32.64 5.32 7.74
C ASP B 48 33.21 4.01 8.26
N TYR B 49 33.18 2.96 7.44
CA TYR B 49 33.60 1.64 7.92
C TYR B 49 35.07 1.57 8.36
N ASN B 50 35.88 2.54 7.92
CA ASN B 50 37.28 2.59 8.36
C ASN B 50 37.53 3.52 9.54
N CYS B 51 36.46 3.97 10.18
CA CYS B 51 36.62 4.97 11.26
C CYS B 51 36.54 4.33 12.65
N PRO B 52 37.64 4.42 13.43
CA PRO B 52 37.67 3.72 14.72
C PRO B 52 36.53 4.13 15.67
N TYR B 53 36.20 5.42 15.74
CA TYR B 53 35.12 5.82 16.63
C TYR B 53 33.76 5.36 16.10
N CYS B 54 33.61 5.32 14.78
CA CYS B 54 32.40 4.69 14.22
C CYS B 54 32.23 3.26 14.73
N LYS B 55 33.31 2.47 14.71
CA LYS B 55 33.24 1.08 15.14
C LYS B 55 32.79 0.97 16.60
N GLN B 56 33.23 1.92 17.42
CA GLN B 56 32.84 1.93 18.83
C GLN B 56 31.34 2.27 18.96
N LEU B 57 30.90 3.28 18.22
CA LEU B 57 29.49 3.69 18.27
C LEU B 57 28.50 2.62 17.72
N ASP B 58 28.87 1.92 16.65
CA ASP B 58 27.94 0.98 16.00
C ASP B 58 27.18 0.03 16.94
N PRO B 59 27.92 -0.71 17.80
CA PRO B 59 27.26 -1.68 18.68
C PRO B 59 26.33 -1.01 19.70
N MET B 60 26.57 0.26 20.00
CA MET B 60 25.66 0.98 20.89
C MET B 60 24.36 1.30 20.16
N LEU B 61 24.45 1.68 18.89
CA LEU B 61 23.24 1.89 18.08
C LEU B 61 22.44 0.61 17.90
N GLU B 62 23.12 -0.52 17.70
CA GLU B 62 22.39 -1.80 17.62
C GLU B 62 21.65 -2.05 18.92
N LYS B 63 22.32 -1.76 20.04
CA LYS B 63 21.76 -2.00 21.36
C LYS B 63 20.54 -1.11 21.63
N ILE B 64 20.59 0.12 21.11
CA ILE B 64 19.42 1.02 21.22
C ILE B 64 18.25 0.42 20.45
N VAL B 65 18.49 0.01 19.22
CA VAL B 65 17.46 -0.54 18.36
C VAL B 65 16.78 -1.75 19.01
N GLN B 66 17.58 -2.53 19.73
CA GLN B 66 17.11 -3.74 20.40
C GLN B 66 16.26 -3.41 21.63
N LYS B 67 16.67 -2.42 22.40
CA LYS B 67 15.98 -2.07 23.62
C LYS B 67 14.73 -1.23 23.34
N TYR B 68 14.78 -0.42 22.30
CA TYR B 68 13.67 0.47 21.95
C TYR B 68 13.11 0.15 20.55
N PRO B 69 12.12 -0.75 20.50
CA PRO B 69 11.53 -1.21 19.24
C PRO B 69 10.91 -0.06 18.44
N ASP B 70 10.74 1.09 19.08
CA ASP B 70 10.15 2.27 18.43
C ASP B 70 11.19 3.07 17.69
N VAL B 71 12.44 2.63 17.75
CA VAL B 71 13.53 3.41 17.15
C VAL B 71 14.09 2.71 15.93
N ALA B 72 14.40 3.50 14.90
CA ALA B 72 15.14 2.98 13.75
C ALA B 72 16.37 3.85 13.57
N VAL B 73 17.39 3.30 12.92
CA VAL B 73 18.60 4.03 12.57
C VAL B 73 18.82 3.96 11.05
N ILE B 74 19.01 5.12 10.46
CA ILE B 74 19.37 5.21 9.05
C ILE B 74 20.89 5.36 8.93
N ILE B 75 21.48 4.61 8.02
CA ILE B 75 22.93 4.65 7.80
C ILE B 75 23.25 5.49 6.58
N LYS B 76 24.08 6.51 6.78
CA LYS B 76 24.59 7.35 5.70
C LYS B 76 26.10 7.21 5.67
N PRO B 77 26.62 6.29 4.82
CA PRO B 77 28.08 6.16 4.76
C PRO B 77 28.76 7.43 4.24
N LEU B 78 29.81 7.89 4.92
CA LEU B 78 30.67 8.99 4.46
C LEU B 78 32.10 8.45 4.36
N PRO B 79 32.49 7.99 3.16
CA PRO B 79 33.79 7.32 2.95
C PRO B 79 34.95 8.31 2.80
N PHE B 80 35.56 8.66 3.93
CA PHE B 80 36.56 9.72 3.96
C PHE B 80 37.98 9.16 3.92
N LYS B 81 38.14 7.87 4.24
CA LYS B 81 39.48 7.30 4.45
C LYS B 81 39.94 6.46 3.28
N GLY B 82 40.00 7.06 2.10
CA GLY B 82 40.57 6.39 0.94
C GLY B 82 39.64 5.42 0.23
N GLU B 83 40.16 4.78 -0.82
CA GLU B 83 39.33 3.97 -1.70
C GLU B 83 38.68 2.77 -1.02
N SER B 84 39.31 2.21 0.02
CA SER B 84 38.66 1.09 0.73
C SER B 84 37.42 1.56 1.50
N SER B 85 37.45 2.78 2.03
CA SER B 85 36.21 3.35 2.60
C SER B 85 35.11 3.36 1.54
N VAL B 86 35.42 3.89 0.36
CA VAL B 86 34.43 3.99 -0.71
C VAL B 86 33.92 2.61 -1.14
N LEU B 87 34.84 1.66 -1.32
CA LEU B 87 34.45 0.29 -1.70
C LEU B 87 33.54 -0.35 -0.66
N ALA B 88 33.93 -0.32 0.61
CA ALA B 88 33.07 -0.83 1.68
C ALA B 88 31.70 -0.13 1.68
N ALA B 89 31.69 1.20 1.52
CA ALA B 89 30.43 1.93 1.47
C ALA B 89 29.57 1.44 0.28
N ARG B 90 30.22 1.27 -0.88
CA ARG B 90 29.45 0.91 -2.08
C ARG B 90 28.86 -0.48 -1.97
N ILE B 91 29.63 -1.40 -1.41
CA ILE B 91 29.22 -2.79 -1.26
C ILE B 91 28.05 -2.90 -0.28
N ALA B 92 28.18 -2.20 0.85
CA ALA B 92 27.11 -2.13 1.84
C ALA B 92 25.82 -1.54 1.22
N LEU B 93 25.99 -0.46 0.48
CA LEU B 93 24.83 0.22 -0.15
C LEU B 93 24.19 -0.62 -1.24
N THR B 94 25.00 -1.39 -1.96
CA THR B 94 24.45 -2.18 -3.07
C THR B 94 23.75 -3.40 -2.51
N THR B 95 24.35 -4.01 -1.49
CA THR B 95 23.71 -5.14 -0.83
C THR B 95 22.38 -4.74 -0.18
N TRP B 96 22.34 -3.56 0.45
CA TRP B 96 21.06 -3.02 0.96
C TRP B 96 20.01 -2.99 -0.17
N ARG B 97 20.43 -2.51 -1.34
CA ARG B 97 19.55 -2.42 -2.48
C ARG B 97 19.13 -3.78 -3.05
N GLU B 98 20.08 -4.71 -3.21
CA GLU B 98 19.77 -5.97 -3.90
C GLU B 98 19.30 -7.06 -2.94
N HIS B 99 19.91 -7.12 -1.76
CA HIS B 99 19.58 -8.16 -0.79
C HIS B 99 19.41 -7.57 0.61
N PRO B 100 18.33 -6.81 0.81
CA PRO B 100 18.12 -6.06 2.05
C PRO B 100 18.33 -6.93 3.27
N GLN B 101 17.85 -8.17 3.21
CA GLN B 101 17.95 -9.08 4.34
CA GLN B 101 17.95 -9.10 4.32
C GLN B 101 19.40 -9.40 4.69
N GLN B 102 20.31 -9.15 3.76
CA GLN B 102 21.73 -9.46 4.05
C GLN B 102 22.47 -8.26 4.65
N PHE B 103 21.89 -7.07 4.55
CA PHE B 103 22.62 -5.85 4.91
C PHE B 103 23.21 -5.89 6.32
N LEU B 104 22.38 -6.15 7.33
CA LEU B 104 22.81 -6.06 8.72
C LEU B 104 24.03 -6.93 9.02
N ALA B 105 24.02 -8.18 8.55
CA ALA B 105 25.14 -9.08 8.80
C ALA B 105 26.40 -8.51 8.15
N LEU B 106 26.25 -8.01 6.92
CA LEU B 106 27.35 -7.42 6.18
C LEU B 106 27.91 -6.17 6.88
N HIS B 107 27.01 -5.23 7.15
CA HIS B 107 27.36 -4.02 7.87
C HIS B 107 28.17 -4.33 9.15
N GLU B 108 27.66 -5.24 9.96
CA GLU B 108 28.36 -5.70 11.17
C GLU B 108 29.78 -6.19 10.86
N LYS B 109 29.93 -7.09 9.89
CA LYS B 109 31.25 -7.59 9.51
C LYS B 109 32.20 -6.48 9.05
N LEU B 110 31.70 -5.49 8.32
CA LEU B 110 32.55 -4.40 7.86
C LEU B 110 33.00 -3.53 9.04
N MET B 111 32.07 -3.27 9.95
CA MET B 111 32.38 -2.52 11.17
C MET B 111 33.35 -3.29 12.10
N GLN B 112 33.14 -4.60 12.25
CA GLN B 112 33.88 -5.39 13.25
C GLN B 112 35.36 -5.56 12.93
N LYS B 113 35.73 -5.36 11.66
CA LYS B 113 37.13 -5.47 11.25
C LYS B 113 37.96 -4.42 11.98
N ARG B 114 38.97 -4.86 12.72
CA ARG B 114 39.71 -3.93 13.59
C ARG B 114 40.81 -3.13 12.87
N VAL B 115 41.16 -3.55 11.66
CA VAL B 115 42.17 -2.83 10.88
C VAL B 115 41.50 -2.12 9.70
N TYR B 116 42.22 -1.16 9.10
CA TYR B 116 41.70 -0.47 7.93
C TYR B 116 41.44 -1.46 6.80
N HIS B 117 40.35 -1.28 6.07
CA HIS B 117 39.99 -2.25 5.04
C HIS B 117 40.90 -2.27 3.82
N THR B 118 40.98 -3.43 3.19
CA THR B 118 41.59 -3.60 1.88
C THR B 118 40.58 -4.29 1.00
N ASP B 119 40.88 -4.41 -0.29
CA ASP B 119 40.06 -5.24 -1.17
C ASP B 119 39.76 -6.60 -0.53
N ASP B 120 40.80 -7.25 -0.01
CA ASP B 120 40.63 -8.57 0.58
C ASP B 120 39.79 -8.60 1.88
N SER B 121 40.00 -7.65 2.80
CA SER B 121 39.22 -7.72 4.04
C SER B 121 37.74 -7.48 3.74
N ILE B 122 37.48 -6.66 2.73
CA ILE B 122 36.09 -6.40 2.33
C ILE B 122 35.48 -7.68 1.74
N LYS B 123 36.21 -8.34 0.83
CA LYS B 123 35.81 -9.65 0.34
C LYS B 123 35.58 -10.62 1.50
N GLN B 124 36.51 -10.64 2.44
CA GLN B 124 36.41 -11.53 3.59
C GLN B 124 35.16 -11.22 4.39
N ALA B 125 34.89 -9.93 4.59
CA ALA B 125 33.71 -9.51 5.35
C ALA B 125 32.45 -10.03 4.68
N GLN B 126 32.39 -9.95 3.35
CA GLN B 126 31.25 -10.49 2.63
C GLN B 126 31.08 -11.99 2.89
N GLN B 127 32.16 -12.73 2.74
CA GLN B 127 32.12 -14.16 2.95
C GLN B 127 31.62 -14.47 4.34
N LYS B 128 32.19 -13.80 5.34
CA LYS B 128 31.84 -14.07 6.74
C LYS B 128 30.40 -13.67 7.05
N ALA B 129 29.89 -12.65 6.38
CA ALA B 129 28.50 -12.23 6.57
C ALA B 129 27.55 -13.13 5.77
N GLY B 130 28.10 -13.93 4.87
CA GLY B 130 27.26 -14.73 3.99
C GLY B 130 26.50 -13.85 3.00
N ALA B 131 27.10 -12.73 2.64
CA ALA B 131 26.45 -11.81 1.69
C ALA B 131 26.73 -12.21 0.25
N THR B 132 25.70 -12.14 -0.58
CA THR B 132 25.83 -12.41 -2.00
C THR B 132 26.70 -11.33 -2.65
N PRO B 133 27.63 -11.76 -3.53
CA PRO B 133 28.46 -10.80 -4.26
C PRO B 133 27.57 -9.89 -5.09
N VAL B 134 27.99 -8.64 -5.29
CA VAL B 134 27.16 -7.68 -6.00
C VAL B 134 27.94 -6.91 -7.05
N THR B 135 27.25 -6.60 -8.14
CA THR B 135 27.79 -5.74 -9.17
C THR B 135 27.69 -4.31 -8.71
N LEU B 136 28.79 -3.57 -8.79
CA LEU B 136 28.78 -2.16 -8.43
C LEU B 136 28.42 -1.31 -9.64
N ASP B 137 27.55 -0.31 -9.44
CA ASP B 137 27.28 0.66 -10.50
C ASP B 137 27.24 2.09 -9.98
N GLU B 138 26.88 3.00 -10.87
CA GLU B 138 26.94 4.43 -10.57
C GLU B 138 26.01 4.81 -9.42
N LYS B 139 24.96 4.00 -9.20
CA LYS B 139 23.97 4.35 -8.18
C LYS B 139 24.53 4.45 -6.77
N SER B 140 25.48 3.57 -6.42
CA SER B 140 26.16 3.64 -5.14
CA SER B 140 26.07 3.68 -5.11
C SER B 140 26.91 4.95 -5.04
N MET B 141 27.51 5.33 -6.17
CA MET B 141 28.29 6.56 -6.23
C MET B 141 27.40 7.80 -6.06
N GLU B 142 26.14 7.73 -6.51
CA GLU B 142 25.24 8.88 -6.38
C GLU B 142 24.82 9.01 -4.93
N THR B 143 24.49 7.89 -4.31
CA THR B 143 24.13 7.87 -2.90
C THR B 143 25.27 8.43 -2.04
N ILE B 144 26.49 8.06 -2.36
CA ILE B 144 27.65 8.59 -1.64
C ILE B 144 27.75 10.11 -1.80
N ARG B 145 27.64 10.59 -3.05
CA ARG B 145 27.69 12.04 -3.29
C ARG B 145 26.56 12.76 -2.55
N THR B 146 25.39 12.12 -2.51
CA THR B 146 24.25 12.72 -1.82
C THR B 146 24.52 12.81 -0.31
N ASN B 147 25.01 11.71 0.26
CA ASN B 147 25.43 11.67 1.66
C ASN B 147 26.42 12.77 2.03
N LEU B 148 27.48 12.89 1.22
CA LEU B 148 28.51 13.91 1.45
C LEU B 148 27.94 15.34 1.40
N GLN B 149 27.15 15.63 0.38
CA GLN B 149 26.51 16.94 0.26
C GLN B 149 25.65 17.22 1.48
N LEU B 150 24.86 16.22 1.84
CA LEU B 150 23.93 16.33 2.95
C LEU B 150 24.67 16.57 4.26
N ALA B 151 25.75 15.82 4.47
CA ALA B 151 26.61 16.03 5.63
C ALA B 151 27.06 17.47 5.72
N ARG B 152 27.57 18.00 4.62
CA ARG B 152 28.00 19.40 4.55
C ARG B 152 26.88 20.34 4.99
N LEU B 153 25.70 20.18 4.41
CA LEU B 153 24.57 21.06 4.70
C LEU B 153 24.13 21.04 6.17
N VAL B 154 24.25 19.89 6.83
CA VAL B 154 23.74 19.81 8.20
C VAL B 154 24.82 20.02 9.26
N GLY B 155 26.02 20.38 8.82
CA GLY B 155 27.08 20.79 9.72
C GLY B 155 27.91 19.62 10.18
N VAL B 156 27.77 18.49 9.51
CA VAL B 156 28.59 17.33 9.81
C VAL B 156 29.98 17.53 9.20
N GLN B 157 31.01 17.43 10.03
CA GLN B 157 32.37 17.51 9.51
C GLN B 157 32.88 16.10 9.26
N GLY B 158 33.22 15.41 10.35
CA GLY B 158 33.72 14.06 10.24
C GLY B 158 32.82 13.03 10.90
N THR B 159 33.30 11.80 10.90
CA THR B 159 32.53 10.67 11.40
C THR B 159 33.08 10.24 12.74
N PRO B 160 32.22 9.67 13.61
CA PRO B 160 30.77 9.57 13.38
C PRO B 160 30.06 10.85 13.79
N ALA B 161 28.85 11.06 13.24
CA ALA B 161 27.97 12.15 13.66
C ALA B 161 26.53 11.64 13.51
N THR B 162 25.73 11.83 14.55
CA THR B 162 24.41 11.20 14.61
C THR B 162 23.30 12.20 14.91
N ILE B 163 22.30 12.26 14.02
CA ILE B 163 21.09 13.07 14.25
C ILE B 163 20.15 12.30 15.15
N ILE B 164 19.75 12.90 16.27
CA ILE B 164 18.84 12.22 17.18
C ILE B 164 17.74 13.21 17.52
N GLY B 165 16.59 13.06 16.86
CA GLY B 165 15.54 14.05 16.98
C GLY B 165 16.05 15.40 16.51
N ASP B 166 15.90 16.42 17.34
CA ASP B 166 16.32 17.77 16.96
C ASP B 166 17.76 18.08 17.33
N GLU B 167 18.51 17.05 17.75
CA GLU B 167 19.92 17.24 18.09
C GLU B 167 20.86 16.50 17.12
N LEU B 168 22.10 16.97 17.01
CA LEU B 168 23.14 16.32 16.18
C LEU B 168 24.36 16.12 17.05
N ILE B 169 24.63 14.86 17.41
CA ILE B 169 25.66 14.56 18.39
C ILE B 169 26.89 13.98 17.69
N PRO B 170 28.05 14.62 17.88
CA PRO B 170 29.26 14.16 17.20
C PRO B 170 30.02 13.16 18.06
N GLY B 171 30.80 12.29 17.41
CA GLY B 171 31.66 11.38 18.13
C GLY B 171 30.98 10.11 18.62
N ALA B 172 31.76 9.26 19.26
CA ALA B 172 31.25 8.03 19.84
C ALA B 172 30.61 8.34 21.18
N VAL B 173 29.30 8.49 21.16
CA VAL B 173 28.53 8.91 22.33
C VAL B 173 28.57 7.83 23.42
N PRO B 174 28.97 8.22 24.64
CA PRO B 174 28.91 7.29 25.78
C PRO B 174 27.51 6.70 25.94
N TRP B 175 27.43 5.40 26.24
CA TRP B 175 26.14 4.75 26.39
C TRP B 175 25.11 5.56 27.23
N ASP B 176 25.48 5.96 28.43
CA ASP B 176 24.53 6.66 29.30
C ASP B 176 23.98 7.90 28.62
N THR B 177 24.84 8.65 27.96
CA THR B 177 24.46 9.86 27.24
C THR B 177 23.55 9.52 26.07
N LEU B 178 23.96 8.52 25.28
CA LEU B 178 23.21 8.06 24.12
C LEU B 178 21.79 7.66 24.52
N GLU B 179 21.67 6.79 25.52
CA GLU B 179 20.36 6.32 25.97
C GLU B 179 19.47 7.47 26.48
N ALA B 180 20.08 8.43 27.19
CA ALA B 180 19.35 9.56 27.75
C ALA B 180 18.75 10.43 26.65
N VAL B 181 19.55 10.71 25.62
CA VAL B 181 19.06 11.51 24.49
C VAL B 181 17.93 10.81 23.75
N VAL B 182 18.10 9.52 23.46
CA VAL B 182 17.06 8.76 22.77
C VAL B 182 15.78 8.77 23.59
N LYS B 183 15.91 8.54 24.90
CA LYS B 183 14.73 8.50 25.76
C LYS B 183 14.00 9.82 25.73
N GLU B 184 14.75 10.91 25.66
CA GLU B 184 14.16 12.25 25.63
C GLU B 184 13.39 12.46 24.34
N LYS B 185 14.02 12.14 23.23
CA LYS B 185 13.37 12.37 21.95
C LYS B 185 12.17 11.46 21.75
N LEU B 186 12.20 10.27 22.36
CA LEU B 186 11.06 9.36 22.30
C LEU B 186 9.86 9.93 23.06
N ALA B 187 10.15 10.61 24.17
CA ALA B 187 9.10 11.20 25.01
C ALA B 187 8.49 12.41 24.31
N SER B 188 9.33 13.22 23.67
CA SER B 188 8.84 14.35 22.89
C SER B 188 8.15 13.89 21.60
N ALA B 189 8.11 12.58 21.37
CA ALA B 189 7.35 12.03 20.25
C ALA B 189 5.85 11.93 20.59
N ASN B 190 5.52 12.06 21.88
CA ASN B 190 4.17 12.43 22.31
C ASN B 190 4.15 13.91 22.69
N LYS C 15 -32.96 -23.05 -0.13
CA LYS C 15 -32.46 -23.96 0.90
C LYS C 15 -31.82 -23.16 2.03
N GLN C 16 -30.94 -22.23 1.67
CA GLN C 16 -30.53 -21.13 2.55
C GLN C 16 -30.00 -20.00 1.68
N ILE C 17 -29.96 -18.79 2.24
CA ILE C 17 -29.40 -17.66 1.51
C ILE C 17 -28.08 -17.24 2.13
N GLU C 18 -27.06 -17.08 1.28
CA GLU C 18 -25.72 -16.81 1.76
C GLU C 18 -25.07 -15.58 1.15
N ASN C 19 -25.01 -14.50 1.92
CA ASN C 19 -24.14 -13.37 1.62
C ASN C 19 -22.70 -13.84 1.66
N LEU C 20 -22.48 -14.93 2.39
CA LEU C 20 -21.18 -15.57 2.45
C LEU C 20 -20.70 -15.96 1.06
N ILE C 21 -21.65 -16.43 0.24
CA ILE C 21 -21.33 -16.88 -1.11
C ILE C 21 -20.97 -15.71 -2.04
N HIS C 22 -21.75 -14.65 -2.00
CA HIS C 22 -21.44 -13.46 -2.80
C HIS C 22 -20.02 -13.00 -2.49
N ALA C 23 -19.72 -12.92 -1.19
CA ALA C 23 -18.40 -12.51 -0.74
C ALA C 23 -17.32 -13.42 -1.33
N ALA C 24 -17.56 -14.73 -1.28
CA ALA C 24 -16.54 -15.70 -1.71
C ALA C 24 -16.27 -15.57 -3.20
N LEU C 25 -17.34 -15.31 -3.96
CA LEU C 25 -17.25 -15.12 -5.40
C LEU C 25 -16.55 -13.82 -5.78
N PHE C 26 -16.96 -12.72 -5.15
CA PHE C 26 -16.55 -11.38 -5.57
C PHE C 26 -15.48 -10.68 -4.72
N ASN C 27 -15.25 -11.12 -3.50
CA ASN C 27 -14.30 -10.39 -2.66
C ASN C 27 -13.14 -11.22 -2.13
N ASP C 28 -12.68 -12.19 -2.91
CA ASP C 28 -11.50 -12.97 -2.53
C ASP C 28 -10.22 -12.29 -3.01
N PRO C 29 -9.41 -11.76 -2.08
CA PRO C 29 -8.12 -11.16 -2.46
C PRO C 29 -7.30 -12.13 -3.33
N ALA C 30 -7.41 -13.43 -3.03
CA ALA C 30 -6.57 -14.44 -3.70
C ALA C 30 -7.06 -14.79 -5.11
N SER C 31 -8.28 -14.39 -5.45
CA SER C 31 -8.81 -14.65 -6.79
C SER C 31 -8.35 -13.56 -7.75
N PRO C 32 -7.63 -13.94 -8.81
CA PRO C 32 -7.14 -12.96 -9.79
C PRO C 32 -8.28 -12.17 -10.44
N ARG C 33 -8.01 -10.93 -10.85
CA ARG C 33 -9.03 -10.08 -11.44
C ARG C 33 -8.46 -9.19 -12.53
N ILE C 34 -9.25 -8.95 -13.57
CA ILE C 34 -8.80 -8.23 -14.76
C ILE C 34 -9.80 -7.15 -15.20
N GLY C 35 -9.30 -5.94 -15.40
CA GLY C 35 -10.11 -4.85 -15.91
C GLY C 35 -10.35 -3.74 -14.92
N ALA C 36 -11.58 -3.22 -14.90
CA ALA C 36 -11.94 -2.07 -14.08
C ALA C 36 -11.49 -2.16 -12.61
N LYS C 37 -10.93 -1.06 -12.11
CA LYS C 37 -10.63 -0.91 -10.70
C LYS C 37 -11.92 -0.93 -9.89
N HIS C 38 -12.90 -0.15 -10.34
CA HIS C 38 -14.20 -0.08 -9.68
C HIS C 38 -15.28 -0.41 -10.69
N PRO C 39 -15.47 -1.71 -10.96
CA PRO C 39 -16.33 -2.17 -12.06
C PRO C 39 -17.81 -1.97 -11.77
N LYS C 40 -18.57 -1.67 -12.82
CA LYS C 40 -20.03 -1.64 -12.74
C LYS C 40 -20.57 -3.06 -12.87
N LEU C 41 -19.79 -3.94 -13.48
CA LEU C 41 -20.18 -5.33 -13.71
C LEU C 41 -18.96 -6.25 -13.59
N THR C 42 -19.06 -7.28 -12.74
CA THR C 42 -17.95 -8.20 -12.54
C THR C 42 -18.30 -9.65 -12.90
N LEU C 43 -17.68 -10.16 -13.96
CA LEU C 43 -17.85 -11.55 -14.38
C LEU C 43 -17.02 -12.50 -13.51
N VAL C 44 -17.59 -13.67 -13.17
CA VAL C 44 -16.84 -14.70 -12.46
C VAL C 44 -16.61 -15.91 -13.37
N ASN C 45 -15.40 -16.01 -13.89
CA ASN C 45 -15.09 -17.05 -14.87
C ASN C 45 -14.42 -18.25 -14.22
N PHE C 46 -15.18 -19.34 -14.12
CA PHE C 46 -14.61 -20.63 -13.71
C PHE C 46 -13.96 -21.26 -14.91
N THR C 47 -12.66 -21.55 -14.81
CA THR C 47 -11.92 -21.95 -15.99
C THR C 47 -10.78 -22.92 -15.69
N ASP C 48 -10.29 -23.57 -16.74
CA ASP C 48 -9.20 -24.54 -16.64
C ASP C 48 -8.24 -24.29 -17.79
N TYR C 49 -6.99 -23.99 -17.47
CA TYR C 49 -5.99 -23.69 -18.50
C TYR C 49 -5.79 -24.81 -19.55
N ASN C 50 -6.15 -26.04 -19.23
CA ASN C 50 -6.05 -27.15 -20.20
C ASN C 50 -7.35 -27.42 -20.96
N CYS C 51 -8.36 -26.60 -20.73
CA CYS C 51 -9.68 -26.83 -21.32
C CYS C 51 -9.85 -26.06 -22.62
N PRO C 52 -10.07 -26.78 -23.73
CA PRO C 52 -10.26 -26.22 -25.08
C PRO C 52 -11.29 -25.10 -25.16
N TYR C 53 -12.48 -25.29 -24.59
CA TYR C 53 -13.49 -24.25 -24.68
C TYR C 53 -13.14 -23.05 -23.80
N CYS C 54 -12.37 -23.30 -22.73
CA CYS C 54 -11.87 -22.21 -21.88
C CYS C 54 -10.92 -21.34 -22.68
N LYS C 55 -10.00 -22.00 -23.39
CA LYS C 55 -9.05 -21.30 -24.24
C LYS C 55 -9.80 -20.50 -25.30
N GLN C 56 -10.88 -21.06 -25.79
CA GLN C 56 -11.64 -20.37 -26.81
C GLN C 56 -12.37 -19.15 -26.22
N LEU C 57 -12.86 -19.27 -25.00
CA LEU C 57 -13.59 -18.18 -24.34
C LEU C 57 -12.70 -16.99 -23.92
N ASP C 58 -11.49 -17.28 -23.45
CA ASP C 58 -10.60 -16.27 -22.87
C ASP C 58 -10.33 -15.01 -23.71
N PRO C 59 -10.05 -15.18 -25.01
CA PRO C 59 -9.78 -14.01 -25.85
C PRO C 59 -11.04 -13.16 -26.03
N MET C 60 -12.20 -13.78 -25.80
CA MET C 60 -13.47 -13.06 -25.91
C MET C 60 -13.79 -12.32 -24.61
N LEU C 61 -13.28 -12.81 -23.50
CA LEU C 61 -13.41 -12.09 -22.25
C LEU C 61 -12.47 -10.88 -22.28
N GLU C 62 -11.34 -11.05 -22.98
CA GLU C 62 -10.39 -9.95 -23.12
C GLU C 62 -10.95 -8.87 -24.03
N LYS C 63 -11.71 -9.28 -25.04
CA LYS C 63 -12.42 -8.33 -25.92
C LYS C 63 -13.35 -7.44 -25.09
N ILE C 64 -14.18 -8.07 -24.25
CA ILE C 64 -15.08 -7.36 -23.37
C ILE C 64 -14.35 -6.35 -22.49
N VAL C 65 -13.40 -6.85 -21.70
CA VAL C 65 -12.64 -6.01 -20.78
C VAL C 65 -12.02 -4.81 -21.50
N GLN C 66 -11.46 -5.05 -22.69
CA GLN C 66 -10.98 -3.97 -23.53
C GLN C 66 -12.11 -2.98 -23.81
N LYS C 67 -13.23 -3.52 -24.31
CA LYS C 67 -14.34 -2.71 -24.80
C LYS C 67 -15.18 -2.03 -23.71
N TYR C 68 -15.37 -2.72 -22.58
CA TYR C 68 -16.23 -2.21 -21.51
C TYR C 68 -15.45 -1.95 -20.22
N PRO C 69 -14.88 -0.74 -20.11
CA PRO C 69 -13.98 -0.37 -19.00
C PRO C 69 -14.67 -0.38 -17.64
N ASP C 70 -15.99 -0.60 -17.61
CA ASP C 70 -16.71 -0.75 -16.35
C ASP C 70 -16.80 -2.21 -15.95
N VAL C 71 -16.35 -3.09 -16.85
CA VAL C 71 -16.40 -4.53 -16.61
C VAL C 71 -15.07 -5.08 -16.09
N ALA C 72 -15.16 -5.90 -15.05
CA ALA C 72 -14.01 -6.64 -14.54
C ALA C 72 -14.27 -8.14 -14.66
N VAL C 73 -13.22 -8.93 -14.73
CA VAL C 73 -13.38 -10.37 -14.80
C VAL C 73 -12.60 -11.03 -13.66
N ILE C 74 -13.29 -11.82 -12.84
CA ILE C 74 -12.65 -12.59 -11.78
C ILE C 74 -12.37 -14.00 -12.29
N ILE C 75 -11.15 -14.48 -12.05
CA ILE C 75 -10.73 -15.80 -12.51
C ILE C 75 -10.77 -16.79 -11.37
N LYS C 76 -11.62 -17.80 -11.51
CA LYS C 76 -11.71 -18.88 -10.54
C LYS C 76 -11.22 -20.14 -11.24
N PRO C 77 -9.92 -20.41 -11.13
CA PRO C 77 -9.38 -21.65 -11.70
C PRO C 77 -10.04 -22.88 -11.09
N LEU C 78 -10.45 -23.77 -11.99
CA LEU C 78 -11.10 -25.02 -11.67
C LEU C 78 -10.37 -26.15 -12.42
N PRO C 79 -9.25 -26.64 -11.85
CA PRO C 79 -8.36 -27.58 -12.58
C PRO C 79 -8.86 -29.03 -12.62
N PHE C 80 -9.60 -29.42 -13.65
CA PHE C 80 -10.21 -30.77 -13.68
C PHE C 80 -9.39 -31.82 -14.45
N LYS C 81 -8.46 -31.37 -15.30
CA LYS C 81 -7.78 -32.29 -16.22
C LYS C 81 -6.43 -32.77 -15.71
N GLY C 82 -6.39 -33.21 -14.45
CA GLY C 82 -5.21 -33.80 -13.87
C GLY C 82 -4.14 -32.81 -13.41
N GLU C 83 -3.06 -33.35 -12.86
CA GLU C 83 -1.97 -32.58 -12.27
C GLU C 83 -1.53 -31.30 -13.01
N SER C 84 -1.36 -31.38 -14.33
CA SER C 84 -0.94 -30.20 -15.09
C SER C 84 -1.93 -29.04 -14.97
N SER C 85 -3.24 -29.34 -14.96
CA SER C 85 -4.27 -28.33 -14.75
C SER C 85 -4.12 -27.72 -13.35
N VAL C 86 -4.06 -28.58 -12.34
CA VAL C 86 -3.76 -28.15 -10.98
C VAL C 86 -2.54 -27.26 -10.95
N LEU C 87 -1.47 -27.72 -11.58
CA LEU C 87 -0.19 -27.02 -11.52
C LEU C 87 -0.27 -25.64 -12.17
N ALA C 88 -0.77 -25.61 -13.40
CA ALA C 88 -1.00 -24.36 -14.09
C ALA C 88 -1.79 -23.41 -13.18
N ALA C 89 -2.84 -23.93 -12.55
CA ALA C 89 -3.74 -23.08 -11.78
C ALA C 89 -2.99 -22.46 -10.60
N ARG C 90 -2.13 -23.26 -9.96
CA ARG C 90 -1.36 -22.78 -8.81
C ARG C 90 -0.33 -21.72 -9.20
N ILE C 91 0.45 -22.01 -10.25
CA ILE C 91 1.42 -21.02 -10.72
C ILE C 91 0.68 -19.68 -10.96
N ALA C 92 -0.39 -19.72 -11.76
CA ALA C 92 -1.20 -18.53 -12.04
C ALA C 92 -1.64 -17.82 -10.74
N LEU C 93 -2.26 -18.57 -9.84
CA LEU C 93 -2.73 -18.01 -8.59
C LEU C 93 -1.58 -17.41 -7.79
N THR C 94 -0.52 -18.19 -7.59
CA THR C 94 0.61 -17.75 -6.78
C THR C 94 1.22 -16.47 -7.36
N THR C 95 1.35 -16.42 -8.69
CA THR C 95 1.81 -15.24 -9.41
C THR C 95 0.88 -14.02 -9.16
N TRP C 96 -0.43 -14.26 -9.17
CA TRP C 96 -1.37 -13.17 -8.89
C TRP C 96 -1.06 -12.59 -7.51
N ARG C 97 -0.84 -13.49 -6.55
CA ARG C 97 -0.64 -13.13 -5.15
C ARG C 97 0.72 -12.46 -4.83
N GLU C 98 1.77 -12.80 -5.58
CA GLU C 98 3.10 -12.17 -5.38
C GLU C 98 3.42 -11.07 -6.41
N HIS C 99 3.03 -11.29 -7.66
CA HIS C 99 3.36 -10.37 -8.76
C HIS C 99 2.14 -10.10 -9.62
N PRO C 100 1.11 -9.47 -9.04
CA PRO C 100 -0.15 -9.22 -9.73
C PRO C 100 0.06 -8.64 -11.13
N GLN C 101 1.03 -7.73 -11.25
CA GLN C 101 1.26 -7.06 -12.53
C GLN C 101 1.69 -8.02 -13.64
N GLN C 102 2.17 -9.20 -13.25
CA GLN C 102 2.61 -10.21 -14.20
C GLN C 102 1.52 -11.22 -14.52
N PHE C 103 0.48 -11.27 -13.70
CA PHE C 103 -0.55 -12.30 -13.83
C PHE C 103 -1.11 -12.40 -15.25
N LEU C 104 -1.52 -11.27 -15.82
CA LEU C 104 -2.20 -11.26 -17.12
C LEU C 104 -1.37 -11.85 -18.26
N ALA C 105 -0.12 -11.42 -18.41
CA ALA C 105 0.73 -11.95 -19.48
C ALA C 105 0.90 -13.47 -19.33
N LEU C 106 1.00 -13.93 -18.08
CA LEU C 106 1.12 -15.36 -17.76
C LEU C 106 -0.17 -16.11 -18.07
N HIS C 107 -1.26 -15.63 -17.47
CA HIS C 107 -2.59 -16.12 -17.75
C HIS C 107 -2.75 -16.35 -19.24
N GLU C 108 -2.49 -15.30 -20.02
CA GLU C 108 -2.47 -15.39 -21.48
C GLU C 108 -1.61 -16.55 -22.00
N LYS C 109 -0.35 -16.61 -21.59
CA LYS C 109 0.56 -17.65 -22.08
C LYS C 109 0.09 -19.05 -21.71
N LEU C 110 -0.44 -19.22 -20.50
CA LEU C 110 -1.07 -20.48 -20.12
C LEU C 110 -2.23 -20.86 -21.05
N MET C 111 -3.16 -19.92 -21.27
CA MET C 111 -4.27 -20.14 -22.19
C MET C 111 -3.85 -20.42 -23.63
N GLN C 112 -2.83 -19.73 -24.13
CA GLN C 112 -2.46 -19.77 -25.55
C GLN C 112 -1.84 -21.09 -25.96
N LYS C 113 -1.26 -21.80 -24.99
CA LYS C 113 -0.69 -23.12 -25.26
C LYS C 113 -1.74 -24.00 -25.91
N ARG C 114 -1.40 -24.57 -27.06
CA ARG C 114 -2.36 -25.35 -27.84
C ARG C 114 -2.52 -26.79 -27.36
N VAL C 115 -1.51 -27.32 -26.70
CA VAL C 115 -1.56 -28.69 -26.18
C VAL C 115 -1.65 -28.70 -24.66
N TYR C 116 -1.79 -29.89 -24.07
CA TYR C 116 -1.90 -30.03 -22.62
C TYR C 116 -0.60 -29.66 -21.91
N HIS C 117 -0.70 -28.93 -20.81
CA HIS C 117 0.50 -28.42 -20.13
C HIS C 117 1.37 -29.49 -19.46
N THR C 118 2.68 -29.24 -19.43
CA THR C 118 3.63 -30.08 -18.71
C THR C 118 4.46 -29.20 -17.78
N ASP C 119 5.37 -29.80 -17.00
CA ASP C 119 6.28 -29.01 -16.19
C ASP C 119 7.07 -28.08 -17.10
N ASP C 120 7.50 -28.58 -18.26
CA ASP C 120 8.27 -27.74 -19.17
C ASP C 120 7.39 -26.69 -19.84
N SER C 121 6.13 -27.05 -20.10
CA SER C 121 5.18 -26.11 -20.70
C SER C 121 4.89 -24.93 -19.75
N ILE C 122 4.71 -25.24 -18.47
CA ILE C 122 4.44 -24.22 -17.46
C ILE C 122 5.67 -23.33 -17.25
N LYS C 123 6.85 -23.94 -17.25
CA LYS C 123 8.10 -23.19 -17.11
C LYS C 123 8.25 -22.26 -18.31
N GLN C 124 7.95 -22.80 -19.49
CA GLN C 124 8.04 -22.04 -20.74
C GLN C 124 7.10 -20.83 -20.76
N ALA C 125 5.88 -21.01 -20.26
CA ALA C 125 4.92 -19.91 -20.14
C ALA C 125 5.41 -18.86 -19.13
N GLN C 126 5.90 -19.34 -17.99
CA GLN C 126 6.48 -18.48 -16.96
C GLN C 126 7.56 -17.56 -17.56
N GLN C 127 8.41 -18.13 -18.42
CA GLN C 127 9.50 -17.38 -19.05
C GLN C 127 9.02 -16.49 -20.20
N LYS C 128 7.98 -16.93 -20.91
CA LYS C 128 7.40 -16.15 -22.01
C LYS C 128 6.55 -14.98 -21.50
N ALA C 129 5.98 -15.13 -20.32
CA ALA C 129 5.19 -14.08 -19.73
C ALA C 129 6.08 -13.00 -19.13
N GLY C 130 7.37 -13.32 -18.94
CA GLY C 130 8.24 -12.45 -18.18
C GLY C 130 7.88 -12.57 -16.71
N ALA C 131 7.27 -13.69 -16.37
CA ALA C 131 6.83 -13.97 -15.02
C ALA C 131 7.99 -14.45 -14.16
N THR C 132 7.89 -14.18 -12.87
CA THR C 132 8.92 -14.50 -11.89
C THR C 132 8.51 -15.81 -11.20
N PRO C 133 9.45 -16.77 -11.09
CA PRO C 133 9.09 -18.07 -10.51
C PRO C 133 8.65 -17.94 -9.05
N VAL C 134 7.84 -18.89 -8.60
CA VAL C 134 7.24 -18.82 -7.28
C VAL C 134 7.19 -20.21 -6.67
N THR C 135 7.34 -20.28 -5.34
CA THR C 135 7.17 -21.56 -4.66
C THR C 135 5.69 -21.73 -4.31
N LEU C 136 5.33 -22.90 -3.81
CA LEU C 136 3.92 -23.26 -3.74
C LEU C 136 3.44 -23.70 -2.35
N ASP C 137 2.84 -22.76 -1.63
CA ASP C 137 2.27 -23.05 -0.31
C ASP C 137 0.92 -23.72 -0.40
N GLU C 138 0.30 -23.91 0.76
CA GLU C 138 -1.03 -24.51 0.82
C GLU C 138 -2.08 -23.52 0.30
N LYS C 139 -1.67 -22.26 0.19
CA LYS C 139 -2.58 -21.17 -0.12
C LYS C 139 -3.20 -21.26 -1.52
N SER C 140 -2.43 -21.75 -2.49
CA SER C 140 -2.98 -21.97 -3.82
C SER C 140 -3.94 -23.15 -3.78
N MET C 141 -3.64 -24.14 -2.95
CA MET C 141 -4.47 -25.33 -2.85
CA MET C 141 -4.46 -25.34 -2.83
C MET C 141 -5.79 -25.03 -2.15
N GLU C 142 -5.73 -24.19 -1.12
CA GLU C 142 -6.95 -23.79 -0.43
C GLU C 142 -7.84 -22.99 -1.36
N THR C 143 -7.25 -22.03 -2.08
CA THR C 143 -7.97 -21.26 -3.08
C THR C 143 -8.69 -22.19 -4.09
N ILE C 144 -7.94 -23.12 -4.67
CA ILE C 144 -8.51 -24.08 -5.59
C ILE C 144 -9.64 -24.88 -4.92
N ARG C 145 -9.38 -25.37 -3.71
CA ARG C 145 -10.38 -26.17 -3.01
C ARG C 145 -11.63 -25.33 -2.70
N THR C 146 -11.43 -24.04 -2.49
CA THR C 146 -12.56 -23.13 -2.26
C THR C 146 -13.30 -22.87 -3.57
N ASN C 147 -12.55 -22.78 -4.65
CA ASN C 147 -13.16 -22.59 -5.96
C ASN C 147 -14.14 -23.70 -6.31
N LEU C 148 -13.76 -24.94 -6.01
CA LEU C 148 -14.60 -26.11 -6.28
C LEU C 148 -15.87 -26.11 -5.45
N GLN C 149 -15.73 -25.84 -4.15
CA GLN C 149 -16.89 -25.71 -3.26
C GLN C 149 -17.85 -24.64 -3.79
N LEU C 150 -17.30 -23.50 -4.18
CA LEU C 150 -18.10 -22.41 -4.74
C LEU C 150 -18.80 -22.87 -6.00
N ALA C 151 -18.04 -23.51 -6.88
CA ALA C 151 -18.59 -24.03 -8.13
C ALA C 151 -19.81 -24.87 -7.81
N ARG C 152 -19.62 -25.88 -6.96
CA ARG C 152 -20.72 -26.72 -6.51
C ARG C 152 -21.92 -25.92 -6.01
N LEU C 153 -21.67 -24.96 -5.11
CA LEU C 153 -22.73 -24.17 -4.49
C LEU C 153 -23.49 -23.29 -5.48
N VAL C 154 -22.85 -22.97 -6.60
CA VAL C 154 -23.40 -22.03 -7.58
C VAL C 154 -24.05 -22.74 -8.77
N GLY C 155 -23.85 -24.05 -8.89
CA GLY C 155 -24.40 -24.80 -9.99
C GLY C 155 -23.45 -24.98 -11.16
N VAL C 156 -22.15 -24.93 -10.89
CA VAL C 156 -21.16 -25.22 -11.91
C VAL C 156 -20.81 -26.70 -11.92
N GLN C 157 -20.97 -27.33 -13.07
CA GLN C 157 -20.60 -28.72 -13.23
C GLN C 157 -19.74 -28.88 -14.47
N GLY C 158 -18.65 -28.12 -14.53
CA GLY C 158 -17.76 -28.17 -15.67
C GLY C 158 -17.36 -26.81 -16.23
N THR C 159 -16.21 -26.77 -16.88
CA THR C 159 -15.63 -25.53 -17.42
C THR C 159 -15.77 -25.47 -18.94
N PRO C 160 -15.87 -24.25 -19.50
CA PRO C 160 -15.95 -23.01 -18.70
C PRO C 160 -17.38 -22.71 -18.29
N ALA C 161 -17.53 -21.84 -17.29
CA ALA C 161 -18.83 -21.33 -16.90
C ALA C 161 -18.59 -19.97 -16.28
N THR C 162 -19.49 -19.04 -16.57
CA THR C 162 -19.23 -17.65 -16.26
C THR C 162 -20.47 -16.95 -15.71
N ILE C 163 -20.38 -16.48 -14.47
CA ILE C 163 -21.42 -15.64 -13.89
C ILE C 163 -21.35 -14.26 -14.52
N ILE C 164 -22.47 -13.84 -15.10
CA ILE C 164 -22.56 -12.51 -15.67
C ILE C 164 -23.81 -11.84 -15.07
N GLY C 165 -23.60 -11.08 -13.99
CA GLY C 165 -24.71 -10.49 -13.27
C GLY C 165 -25.52 -11.55 -12.52
N ASP C 166 -26.79 -11.65 -12.88
CA ASP C 166 -27.66 -12.62 -12.21
C ASP C 166 -27.82 -13.90 -13.06
N GLU C 167 -27.07 -14.00 -14.15
CA GLU C 167 -27.07 -15.19 -14.99
C GLU C 167 -25.79 -16.01 -14.87
N LEU C 168 -25.89 -17.31 -15.11
CA LEU C 168 -24.73 -18.21 -15.16
C LEU C 168 -24.66 -18.88 -16.55
N ILE C 169 -23.66 -18.51 -17.35
CA ILE C 169 -23.55 -18.99 -18.71
C ILE C 169 -22.47 -20.07 -18.86
N PRO C 170 -22.88 -21.30 -19.20
CA PRO C 170 -21.92 -22.41 -19.37
C PRO C 170 -21.31 -22.40 -20.78
N GLY C 171 -20.17 -23.07 -20.95
CA GLY C 171 -19.55 -23.21 -22.25
C GLY C 171 -18.89 -21.97 -22.86
N ALA C 172 -18.33 -22.16 -24.05
CA ALA C 172 -17.67 -21.08 -24.79
C ALA C 172 -18.69 -20.26 -25.54
N VAL C 173 -18.98 -19.08 -25.01
CA VAL C 173 -20.12 -18.29 -25.44
C VAL C 173 -19.89 -17.52 -26.73
N PRO C 174 -20.63 -17.90 -27.79
CA PRO C 174 -20.55 -17.21 -29.09
C PRO C 174 -20.60 -15.69 -28.92
N TRP C 175 -19.67 -14.99 -29.55
CA TRP C 175 -19.38 -13.58 -29.25
C TRP C 175 -20.55 -12.60 -29.20
N ASP C 176 -21.54 -12.78 -30.08
CA ASP C 176 -22.67 -11.84 -30.10
C ASP C 176 -23.59 -11.99 -28.89
N THR C 177 -23.76 -13.22 -28.42
CA THR C 177 -24.51 -13.47 -27.19
C THR C 177 -23.76 -12.88 -25.99
N LEU C 178 -22.47 -13.19 -25.91
CA LEU C 178 -21.63 -12.70 -24.83
C LEU C 178 -21.72 -11.18 -24.70
N GLU C 179 -21.49 -10.47 -25.80
CA GLU C 179 -21.53 -9.01 -25.77
C GLU C 179 -22.93 -8.52 -25.43
N ALA C 180 -23.93 -9.32 -25.79
CA ALA C 180 -25.32 -8.99 -25.52
C ALA C 180 -25.64 -9.04 -24.04
N VAL C 181 -25.28 -10.15 -23.40
CA VAL C 181 -25.53 -10.35 -21.98
C VAL C 181 -24.76 -9.35 -21.14
N VAL C 182 -23.53 -9.04 -21.55
CA VAL C 182 -22.75 -8.00 -20.91
C VAL C 182 -23.48 -6.66 -20.99
N LYS C 183 -23.86 -6.29 -22.21
CA LYS C 183 -24.59 -5.05 -22.46
C LYS C 183 -25.83 -4.89 -21.57
N GLU C 184 -26.54 -5.99 -21.34
CA GLU C 184 -27.74 -5.98 -20.50
C GLU C 184 -27.43 -5.67 -19.03
N LYS C 185 -26.70 -6.57 -18.38
CA LYS C 185 -26.37 -6.43 -16.96
C LYS C 185 -25.62 -5.13 -16.65
N LEU C 186 -25.06 -4.51 -17.69
CA LEU C 186 -24.45 -3.19 -17.55
C LEU C 186 -25.54 -2.13 -17.40
N ALA C 187 -26.58 -2.23 -18.22
CA ALA C 187 -27.71 -1.31 -18.14
C ALA C 187 -28.26 -1.21 -16.71
N SER C 188 -28.62 -2.36 -16.15
CA SER C 188 -29.06 -2.41 -14.76
C SER C 188 -27.88 -2.46 -13.78
N LEU D 20 -13.81 -20.75 3.08
CA LEU D 20 -14.83 -20.14 2.22
C LEU D 20 -15.48 -18.90 2.85
N ILE D 21 -15.51 -18.83 4.17
CA ILE D 21 -16.05 -17.66 4.86
C ILE D 21 -14.97 -16.61 4.94
N HIS D 22 -13.77 -16.98 4.48
CA HIS D 22 -12.62 -16.10 4.52
C HIS D 22 -12.88 -14.70 3.92
N ALA D 23 -13.43 -14.68 2.70
CA ALA D 23 -13.71 -13.42 2.03
C ALA D 23 -14.70 -12.52 2.79
N ALA D 24 -15.68 -13.13 3.45
CA ALA D 24 -16.71 -12.37 4.15
C ALA D 24 -16.19 -11.92 5.50
N LEU D 25 -15.25 -12.69 6.03
CA LEU D 25 -14.59 -12.32 7.27
C LEU D 25 -13.77 -11.05 7.06
N PHE D 26 -12.91 -11.08 6.05
CA PHE D 26 -11.85 -10.06 5.93
C PHE D 26 -12.07 -9.04 4.85
N ASN D 27 -13.02 -9.30 3.95
CA ASN D 27 -13.16 -8.43 2.78
C ASN D 27 -14.60 -8.09 2.44
N ASP D 28 -15.47 -8.10 3.44
CA ASP D 28 -16.86 -7.69 3.23
C ASP D 28 -16.90 -6.18 3.01
N PRO D 29 -17.26 -5.77 1.79
CA PRO D 29 -17.35 -4.33 1.49
C PRO D 29 -18.25 -3.59 2.50
N ALA D 30 -19.22 -4.30 3.07
CA ALA D 30 -20.19 -3.71 3.98
C ALA D 30 -19.73 -3.68 5.43
N SER D 31 -18.65 -4.40 5.74
CA SER D 31 -18.11 -4.39 7.10
C SER D 31 -17.09 -3.26 7.25
N PRO D 32 -17.32 -2.34 8.22
CA PRO D 32 -16.39 -1.22 8.38
C PRO D 32 -14.92 -1.64 8.60
N ARG D 33 -14.02 -0.87 8.00
CA ARG D 33 -12.59 -1.12 8.09
C ARG D 33 -11.84 0.12 8.60
N ILE D 34 -11.01 -0.08 9.61
CA ILE D 34 -10.17 0.98 10.19
C ILE D 34 -8.72 0.64 9.80
N GLY D 35 -8.03 1.59 9.20
CA GLY D 35 -6.70 1.36 8.69
C GLY D 35 -6.65 0.98 7.21
N ALA D 36 -5.51 0.43 6.78
CA ALA D 36 -5.19 0.19 5.37
C ALA D 36 -6.14 -0.73 4.61
N LYS D 37 -6.29 -0.49 3.31
CA LYS D 37 -7.09 -1.33 2.43
C LYS D 37 -6.41 -2.66 2.14
N HIS D 38 -5.08 -2.65 2.08
CA HIS D 38 -4.30 -3.86 1.84
C HIS D 38 -3.25 -4.04 2.93
N PRO D 39 -3.68 -4.48 4.12
CA PRO D 39 -2.76 -4.62 5.25
C PRO D 39 -2.03 -5.95 5.18
N LYS D 40 -0.98 -6.09 6.00
CA LYS D 40 -0.26 -7.35 6.17
C LYS D 40 -1.07 -8.27 7.09
N LEU D 41 -1.86 -7.64 7.96
CA LEU D 41 -2.60 -8.35 8.98
C LEU D 41 -3.96 -7.71 9.17
N THR D 42 -5.02 -8.52 9.23
CA THR D 42 -6.37 -7.99 9.43
C THR D 42 -7.03 -8.53 10.70
N LEU D 43 -7.21 -7.68 11.70
CA LEU D 43 -7.96 -8.06 12.90
C LEU D 43 -9.44 -8.04 12.58
N VAL D 44 -10.17 -9.05 13.06
CA VAL D 44 -11.63 -9.03 12.96
C VAL D 44 -12.23 -8.92 14.35
N ASN D 45 -12.90 -7.80 14.62
CA ASN D 45 -13.39 -7.50 15.93
C ASN D 45 -14.91 -7.62 16.01
N PHE D 46 -15.37 -8.65 16.72
CA PHE D 46 -16.77 -8.85 16.98
C PHE D 46 -17.12 -8.09 18.25
N THR D 47 -18.13 -7.21 18.16
CA THR D 47 -18.31 -6.17 19.18
C THR D 47 -19.78 -5.71 19.27
N ASP D 48 -20.11 -5.05 20.37
CA ASP D 48 -21.47 -4.56 20.66
C ASP D 48 -21.31 -3.18 21.30
N TYR D 49 -21.96 -2.17 20.72
CA TYR D 49 -21.84 -0.79 21.21
C TYR D 49 -22.26 -0.59 22.66
N ASN D 50 -23.05 -1.51 23.20
CA ASN D 50 -23.48 -1.43 24.60
C ASN D 50 -22.65 -2.29 25.54
N CYS D 51 -21.76 -3.11 24.99
CA CYS D 51 -20.94 -4.03 25.81
C CYS D 51 -19.72 -3.33 26.41
N PRO D 52 -19.64 -3.29 27.76
CA PRO D 52 -18.60 -2.54 28.48
C PRO D 52 -17.17 -3.02 28.19
N TYR D 53 -16.96 -4.33 28.03
CA TYR D 53 -15.63 -4.80 27.65
C TYR D 53 -15.30 -4.39 26.22
N CYS D 54 -16.30 -4.36 25.35
CA CYS D 54 -16.11 -3.87 23.99
C CYS D 54 -15.65 -2.44 23.99
N LYS D 55 -16.27 -1.63 24.85
CA LYS D 55 -15.94 -0.22 24.96
C LYS D 55 -14.51 -0.06 25.48
N GLN D 56 -14.11 -0.97 26.37
CA GLN D 56 -12.78 -0.94 26.93
C GLN D 56 -11.74 -1.30 25.86
N LEU D 57 -12.06 -2.29 25.04
CA LEU D 57 -11.14 -2.77 24.03
C LEU D 57 -10.97 -1.77 22.87
N ASP D 58 -12.04 -1.04 22.56
CA ASP D 58 -12.07 -0.23 21.34
C ASP D 58 -10.89 0.72 21.11
N PRO D 59 -10.56 1.56 22.13
CA PRO D 59 -9.47 2.54 21.97
C PRO D 59 -8.13 1.85 21.68
N MET D 60 -7.97 0.62 22.16
CA MET D 60 -6.73 -0.11 21.95
C MET D 60 -6.57 -0.52 20.49
N LEU D 61 -7.69 -0.93 19.89
CA LEU D 61 -7.74 -1.32 18.50
C LEU D 61 -7.25 -0.19 17.61
N GLU D 62 -7.69 1.02 17.94
CA GLU D 62 -7.28 2.20 17.20
CA GLU D 62 -7.28 2.22 17.21
C GLU D 62 -5.82 2.56 17.48
N LYS D 63 -5.38 2.36 18.72
CA LYS D 63 -3.96 2.52 19.07
C LYS D 63 -3.07 1.56 18.25
N ILE D 64 -3.54 0.33 18.07
CA ILE D 64 -2.84 -0.65 17.21
C ILE D 64 -2.71 -0.12 15.78
N VAL D 65 -3.84 0.29 15.18
CA VAL D 65 -3.84 0.73 13.78
C VAL D 65 -2.91 1.92 13.61
N GLN D 66 -2.96 2.85 14.56
CA GLN D 66 -2.10 4.02 14.57
C GLN D 66 -0.60 3.63 14.62
N LYS D 67 -0.27 2.69 15.50
CA LYS D 67 1.11 2.28 15.71
C LYS D 67 1.61 1.34 14.61
N TYR D 68 0.68 0.55 14.06
CA TYR D 68 1.04 -0.49 13.10
C TYR D 68 0.25 -0.34 11.81
N PRO D 69 0.75 0.52 10.92
CA PRO D 69 0.08 0.84 9.63
C PRO D 69 -0.03 -0.38 8.73
N ASP D 70 0.64 -1.49 9.09
CA ASP D 70 0.50 -2.73 8.35
C ASP D 70 -0.77 -3.45 8.75
N VAL D 71 -1.42 -2.96 9.81
CA VAL D 71 -2.57 -3.64 10.37
C VAL D 71 -3.87 -2.85 10.13
N ALA D 72 -4.92 -3.57 9.73
CA ALA D 72 -6.26 -3.00 9.66
C ALA D 72 -7.17 -3.77 10.61
N VAL D 73 -8.27 -3.13 11.03
CA VAL D 73 -9.23 -3.78 11.92
C VAL D 73 -10.60 -3.77 11.24
N ILE D 74 -11.25 -4.93 11.17
CA ILE D 74 -12.62 -4.98 10.66
C ILE D 74 -13.56 -4.95 11.84
N ILE D 75 -14.65 -4.19 11.73
CA ILE D 75 -15.67 -4.16 12.77
C ILE D 75 -16.87 -5.02 12.38
N LYS D 76 -17.21 -5.98 13.23
CA LYS D 76 -18.40 -6.80 13.00
C LYS D 76 -19.38 -6.70 14.14
N PRO D 77 -20.39 -5.84 14.01
CA PRO D 77 -21.31 -5.74 15.15
C PRO D 77 -22.15 -7.01 15.33
N LEU D 78 -22.18 -7.49 16.57
CA LEU D 78 -23.10 -8.54 17.00
C LEU D 78 -23.96 -7.95 18.11
N PRO D 79 -25.10 -7.34 17.75
CA PRO D 79 -25.92 -6.58 18.71
C PRO D 79 -26.80 -7.47 19.58
N PHE D 80 -26.19 -8.09 20.60
CA PHE D 80 -26.88 -9.02 21.47
C PHE D 80 -27.74 -8.32 22.52
N LYS D 81 -27.41 -7.07 22.84
CA LYS D 81 -27.93 -6.47 24.05
C LYS D 81 -29.12 -5.52 23.86
N GLY D 82 -30.13 -6.00 23.14
CA GLY D 82 -31.39 -5.27 23.06
C GLY D 82 -31.52 -4.36 21.85
N GLU D 83 -32.68 -3.70 21.78
CA GLU D 83 -33.01 -2.85 20.64
C GLU D 83 -31.98 -1.80 20.36
N SER D 84 -31.44 -1.16 21.41
CA SER D 84 -30.47 -0.09 21.18
C SER D 84 -29.15 -0.63 20.62
N SER D 85 -28.81 -1.88 20.93
CA SER D 85 -27.62 -2.51 20.34
C SER D 85 -27.82 -2.66 18.84
N VAL D 86 -29.01 -3.08 18.46
CA VAL D 86 -29.31 -3.32 17.05
C VAL D 86 -29.37 -1.99 16.30
N LEU D 87 -30.02 -1.00 16.91
CA LEU D 87 -30.11 0.33 16.31
C LEU D 87 -28.71 0.94 16.14
N ALA D 88 -27.92 0.94 17.21
CA ALA D 88 -26.60 1.54 17.14
C ALA D 88 -25.79 0.87 16.02
N ALA D 89 -25.88 -0.46 15.96
CA ALA D 89 -25.14 -1.21 14.94
C ALA D 89 -25.59 -0.86 13.53
N ARG D 90 -26.89 -0.70 13.31
CA ARG D 90 -27.34 -0.45 11.93
C ARG D 90 -26.97 0.96 11.51
N ILE D 91 -27.04 1.90 12.43
CA ILE D 91 -26.65 3.26 12.11
C ILE D 91 -25.16 3.34 11.75
N ALA D 92 -24.35 2.65 12.52
CA ALA D 92 -22.92 2.63 12.26
C ALA D 92 -22.67 1.99 10.89
N LEU D 93 -23.32 0.86 10.63
CA LEU D 93 -23.10 0.15 9.37
C LEU D 93 -23.60 0.94 8.16
N THR D 94 -24.61 1.77 8.37
CA THR D 94 -25.21 2.50 7.26
C THR D 94 -24.35 3.71 6.90
N THR D 95 -23.82 4.36 7.95
CA THR D 95 -22.85 5.44 7.77
C THR D 95 -21.60 4.90 7.05
N TRP D 96 -21.18 3.69 7.40
CA TRP D 96 -20.03 3.11 6.69
C TRP D 96 -20.34 3.03 5.20
N ARG D 97 -21.49 2.45 4.86
CA ARG D 97 -21.87 2.29 3.46
C ARG D 97 -21.97 3.63 2.71
N GLU D 98 -22.61 4.64 3.33
CA GLU D 98 -22.93 5.88 2.64
C GLU D 98 -21.86 6.95 2.76
N HIS D 99 -21.19 6.98 3.92
CA HIS D 99 -20.22 8.02 4.23
C HIS D 99 -19.08 7.41 5.02
N PRO D 100 -18.22 6.63 4.33
CA PRO D 100 -17.22 5.85 5.07
C PRO D 100 -16.27 6.71 5.88
N GLN D 101 -15.92 7.88 5.33
CA GLN D 101 -15.06 8.81 6.05
C GLN D 101 -15.63 9.19 7.43
N GLN D 102 -16.94 9.02 7.62
CA GLN D 102 -17.55 9.49 8.88
C GLN D 102 -17.66 8.37 9.92
N PHE D 103 -17.43 7.14 9.49
CA PHE D 103 -17.68 6.00 10.36
C PHE D 103 -16.88 6.03 11.66
N LEU D 104 -15.58 6.24 11.56
CA LEU D 104 -14.72 6.14 12.73
C LEU D 104 -15.18 7.10 13.84
N ALA D 105 -15.37 8.38 13.51
CA ALA D 105 -15.86 9.33 14.51
C ALA D 105 -17.18 8.85 15.14
N LEU D 106 -18.12 8.39 14.33
CA LEU D 106 -19.39 7.88 14.84
C LEU D 106 -19.19 6.64 15.71
N HIS D 107 -18.39 5.70 15.22
CA HIS D 107 -18.10 4.47 15.96
C HIS D 107 -17.52 4.85 17.34
N GLU D 108 -16.61 5.83 17.35
CA GLU D 108 -16.01 6.29 18.60
C GLU D 108 -17.04 6.89 19.58
N LYS D 109 -17.90 7.78 19.09
CA LYS D 109 -18.90 8.38 19.95
C LYS D 109 -19.79 7.29 20.55
N LEU D 110 -20.21 6.32 19.74
CA LEU D 110 -21.08 5.26 20.28
C LEU D 110 -20.39 4.41 21.36
N MET D 111 -19.12 4.07 21.13
CA MET D 111 -18.38 3.30 22.11
C MET D 111 -18.13 4.10 23.38
N GLN D 112 -17.75 5.36 23.23
CA GLN D 112 -17.35 6.19 24.37
C GLN D 112 -18.47 6.50 25.37
N LYS D 113 -19.70 6.56 24.88
CA LYS D 113 -20.86 6.74 25.75
C LYS D 113 -20.91 5.69 26.86
N ARG D 114 -20.86 6.14 28.11
CA ARG D 114 -20.79 5.20 29.23
C ARG D 114 -22.17 4.81 29.75
N VAL D 115 -23.22 5.15 29.02
CA VAL D 115 -24.57 4.76 29.42
C VAL D 115 -25.12 3.77 28.39
N TYR D 116 -25.90 2.79 28.86
CA TYR D 116 -26.59 1.89 27.94
C TYR D 116 -27.40 2.75 26.95
N HIS D 117 -27.35 2.39 25.66
CA HIS D 117 -27.83 3.30 24.62
C HIS D 117 -29.35 3.43 24.55
N THR D 118 -29.79 4.61 24.10
CA THR D 118 -31.17 4.86 23.71
C THR D 118 -31.22 5.54 22.34
N ASP D 119 -32.42 5.73 21.81
CA ASP D 119 -32.57 6.44 20.54
C ASP D 119 -31.89 7.80 20.63
N ASP D 120 -32.05 8.44 21.79
CA ASP D 120 -31.52 9.79 22.01
C ASP D 120 -30.01 9.80 22.13
N SER D 121 -29.46 8.89 22.94
CA SER D 121 -28.01 8.87 23.07
C SER D 121 -27.38 8.55 21.73
N ILE D 122 -28.04 7.73 20.93
CA ILE D 122 -27.51 7.38 19.61
C ILE D 122 -27.53 8.60 18.68
N LYS D 123 -28.67 9.31 18.66
CA LYS D 123 -28.74 10.55 17.89
C LYS D 123 -27.73 11.59 18.38
N GLN D 124 -27.52 11.64 19.69
CA GLN D 124 -26.49 12.52 20.23
C GLN D 124 -25.11 12.13 19.68
N ALA D 125 -24.83 10.82 19.61
CA ALA D 125 -23.53 10.35 19.10
C ALA D 125 -23.31 10.84 17.67
N GLN D 126 -24.34 10.74 16.84
CA GLN D 126 -24.27 11.26 15.47
C GLN D 126 -23.89 12.74 15.43
N GLN D 127 -24.56 13.53 16.27
CA GLN D 127 -24.29 14.96 16.28
C GLN D 127 -22.89 15.25 16.78
N LYS D 128 -22.48 14.57 17.86
CA LYS D 128 -21.15 14.78 18.38
C LYS D 128 -20.08 14.26 17.43
N ALA D 129 -20.47 13.33 16.54
CA ALA D 129 -19.54 12.79 15.56
C ALA D 129 -19.56 13.58 14.26
N GLY D 130 -20.53 14.48 14.13
CA GLY D 130 -20.70 15.22 12.89
C GLY D 130 -21.18 14.33 11.76
N ALA D 131 -21.84 13.23 12.11
CA ALA D 131 -22.22 12.25 11.10
C ALA D 131 -23.47 12.69 10.36
N THR D 132 -23.48 12.45 9.06
CA THR D 132 -24.64 12.77 8.24
C THR D 132 -25.76 11.79 8.56
N PRO D 133 -26.99 12.31 8.75
CA PRO D 133 -28.17 11.47 8.97
C PRO D 133 -28.28 10.45 7.86
N VAL D 134 -28.79 9.26 8.18
CA VAL D 134 -29.01 8.21 7.19
C VAL D 134 -30.30 7.47 7.45
N THR D 135 -30.84 6.89 6.39
CA THR D 135 -32.06 6.11 6.45
C THR D 135 -31.72 4.63 6.45
N LEU D 136 -32.21 3.90 7.44
CA LEU D 136 -31.93 2.47 7.56
C LEU D 136 -32.67 1.68 6.51
N ASP D 137 -32.07 0.58 6.04
CA ASP D 137 -32.82 -0.39 5.26
C ASP D 137 -32.41 -1.82 5.56
N GLU D 138 -32.94 -2.75 4.79
CA GLU D 138 -32.66 -4.17 5.02
C GLU D 138 -31.17 -4.53 4.94
N LYS D 139 -30.38 -3.72 4.25
CA LYS D 139 -28.97 -4.08 4.04
C LYS D 139 -28.26 -4.21 5.38
N SER D 140 -28.61 -3.32 6.31
CA SER D 140 -28.07 -3.31 7.67
C SER D 140 -28.32 -4.64 8.34
N MET D 141 -29.57 -5.09 8.24
CA MET D 141 -29.99 -6.32 8.89
C MET D 141 -29.30 -7.53 8.27
N GLU D 142 -29.06 -7.49 6.96
CA GLU D 142 -28.41 -8.62 6.28
C GLU D 142 -26.95 -8.74 6.73
N THR D 143 -26.29 -7.59 6.89
CA THR D 143 -24.92 -7.56 7.37
C THR D 143 -24.85 -8.09 8.80
N ILE D 144 -25.78 -7.64 9.64
CA ILE D 144 -25.88 -8.16 11.01
C ILE D 144 -26.11 -9.68 11.05
N ARG D 145 -27.04 -10.17 10.24
CA ARG D 145 -27.27 -11.63 10.19
C ARG D 145 -26.02 -12.37 9.74
N THR D 146 -25.33 -11.83 8.74
CA THR D 146 -24.11 -12.48 8.25
C THR D 146 -23.05 -12.51 9.35
N ASN D 147 -22.94 -11.41 10.09
CA ASN D 147 -21.97 -11.32 11.17
C ASN D 147 -22.18 -12.43 12.20
N LEU D 148 -23.43 -12.62 12.59
CA LEU D 148 -23.80 -13.65 13.56
C LEU D 148 -23.50 -15.07 13.05
N GLN D 149 -23.73 -15.31 11.76
CA GLN D 149 -23.33 -16.58 11.14
C GLN D 149 -21.84 -16.80 11.36
N LEU D 150 -21.06 -15.75 11.07
CA LEU D 150 -19.61 -15.82 11.15
C LEU D 150 -19.14 -16.07 12.59
N ALA D 151 -19.72 -15.32 13.53
CA ALA D 151 -19.37 -15.52 14.94
C ALA D 151 -19.49 -16.99 15.34
N ARG D 152 -20.54 -17.65 14.83
CA ARG D 152 -20.78 -19.05 15.16
C ARG D 152 -19.74 -19.94 14.50
N LEU D 153 -19.62 -19.81 13.17
CA LEU D 153 -18.66 -20.59 12.40
C LEU D 153 -17.24 -20.44 12.91
N VAL D 154 -16.94 -19.28 13.49
CA VAL D 154 -15.60 -18.97 13.96
C VAL D 154 -15.42 -19.47 15.39
N GLY D 155 -16.54 -19.61 16.11
CA GLY D 155 -16.51 -20.09 17.49
C GLY D 155 -16.54 -18.97 18.51
N VAL D 156 -16.94 -17.78 18.08
CA VAL D 156 -17.13 -16.67 19.01
C VAL D 156 -18.11 -17.08 20.11
N GLN D 157 -17.73 -16.82 21.36
CA GLN D 157 -18.58 -17.19 22.50
C GLN D 157 -19.42 -16.02 23.00
N GLY D 158 -18.84 -14.83 23.03
CA GLY D 158 -19.55 -13.61 23.41
C GLY D 158 -18.82 -12.42 22.83
N THR D 159 -19.21 -11.21 23.22
CA THR D 159 -18.42 -10.03 22.83
C THR D 159 -17.65 -9.49 24.03
N PRO D 160 -16.49 -8.87 23.78
CA PRO D 160 -15.82 -8.79 22.48
C PRO D 160 -15.06 -10.08 22.20
N ALA D 161 -14.81 -10.33 20.92
CA ALA D 161 -13.97 -11.45 20.51
C ALA D 161 -13.28 -10.97 19.26
N THR D 162 -11.97 -11.16 19.19
CA THR D 162 -11.19 -10.61 18.09
C THR D 162 -10.26 -11.64 17.44
N ILE D 163 -10.37 -11.78 16.12
CA ILE D 163 -9.46 -12.62 15.36
C ILE D 163 -8.18 -11.87 15.05
N ILE D 164 -7.07 -12.42 15.50
CA ILE D 164 -5.75 -11.91 15.13
C ILE D 164 -4.94 -13.10 14.61
N GLY D 165 -4.74 -13.16 13.30
CA GLY D 165 -4.11 -14.33 12.70
C GLY D 165 -4.79 -15.62 13.12
N ASP D 166 -4.03 -16.57 13.67
CA ASP D 166 -4.57 -17.87 14.03
C ASP D 166 -5.12 -17.97 15.45
N GLU D 167 -5.24 -16.82 16.12
CA GLU D 167 -5.81 -16.78 17.46
C GLU D 167 -7.16 -16.07 17.47
N LEU D 168 -8.11 -16.62 18.22
CA LEU D 168 -9.32 -15.88 18.57
C LEU D 168 -9.17 -15.43 20.00
N ILE D 169 -9.37 -14.14 20.25
CA ILE D 169 -9.10 -13.56 21.55
C ILE D 169 -10.36 -12.98 22.18
N PRO D 170 -10.89 -13.67 23.21
CA PRO D 170 -12.12 -13.24 23.89
C PRO D 170 -11.84 -12.11 24.87
N GLY D 171 -12.88 -11.32 25.17
CA GLY D 171 -12.77 -10.28 26.18
C GLY D 171 -11.73 -9.22 25.87
N ALA D 172 -11.66 -8.21 26.73
CA ALA D 172 -10.63 -7.19 26.63
C ALA D 172 -9.34 -7.70 27.30
N VAL D 173 -8.26 -7.77 26.52
CA VAL D 173 -6.96 -8.11 27.06
C VAL D 173 -6.21 -6.83 27.35
N PRO D 174 -5.22 -6.92 28.26
CA PRO D 174 -4.31 -5.80 28.53
C PRO D 174 -3.57 -5.35 27.27
N TRP D 175 -3.23 -4.07 27.22
CA TRP D 175 -2.52 -3.51 26.09
C TRP D 175 -1.27 -4.33 25.76
N ASP D 176 -0.52 -4.72 26.78
CA ASP D 176 0.70 -5.50 26.62
CA ASP D 176 0.71 -5.47 26.55
C ASP D 176 0.46 -6.80 25.85
N THR D 177 -0.54 -7.55 26.31
CA THR D 177 -0.90 -8.80 25.63
C THR D 177 -1.32 -8.52 24.20
N LEU D 178 -2.24 -7.58 24.03
CA LEU D 178 -2.73 -7.23 22.70
C LEU D 178 -1.59 -6.88 21.74
N GLU D 179 -0.68 -6.02 22.18
CA GLU D 179 0.43 -5.62 21.31
C GLU D 179 1.38 -6.79 21.01
N ALA D 180 1.68 -7.61 22.02
CA ALA D 180 2.56 -8.77 21.80
C ALA D 180 1.96 -9.71 20.72
N VAL D 181 0.71 -10.12 20.92
CA VAL D 181 0.01 -10.92 19.90
C VAL D 181 0.03 -10.30 18.50
N VAL D 182 -0.35 -9.02 18.40
CA VAL D 182 -0.30 -8.31 17.12
C VAL D 182 1.10 -8.36 16.48
N LYS D 183 2.12 -7.97 17.24
CA LYS D 183 3.51 -8.05 16.74
C LYS D 183 3.86 -9.46 16.25
N GLU D 184 3.52 -10.47 17.03
CA GLU D 184 3.77 -11.86 16.65
C GLU D 184 3.15 -12.24 15.29
N LYS D 185 1.83 -12.05 15.16
CA LYS D 185 1.12 -12.43 13.94
C LYS D 185 1.56 -11.60 12.74
N LEU D 186 1.91 -10.35 13.02
CA LEU D 186 2.46 -9.45 12.01
C LEU D 186 3.78 -9.99 11.50
N ALA D 187 4.58 -10.52 12.42
CA ALA D 187 5.87 -11.11 12.06
C ALA D 187 5.62 -12.35 11.22
N SER D 188 4.77 -13.25 11.72
CA SER D 188 4.45 -14.49 11.00
C SER D 188 3.98 -14.22 9.59
N ALA D 189 3.25 -13.12 9.40
CA ALA D 189 2.90 -12.66 8.06
C ALA D 189 4.10 -11.95 7.43
#